data_5XDF
#
_entry.id   5XDF
#
_cell.length_a   119.625
_cell.length_b   119.625
_cell.length_c   145.020
_cell.angle_alpha   90.00
_cell.angle_beta   90.00
_cell.angle_gamma   120.00
#
_symmetry.space_group_name_H-M   'P 32 2 1'
#
loop_
_entity.id
_entity.type
_entity.pdbx_description
1 polymer 'Homoserine dehydrogenase'
2 non-polymer L-HOMOSERINE
3 non-polymer 'SODIUM ION'
4 non-polymer 'FORMIC ACID'
5 water water
#
_entity_poly.entity_id   1
_entity_poly.type   'polypeptide(L)'
_entity_poly.pdbx_seq_one_letter_code
;MEALKIALLGGGTVGSAFYNLVLERAEELSAFGVVPRFLGVLVRDPRKPRAIPQELLRAEPFDLLEADLVVEAMGGVEAP
LRLVLPALEAGIPLITANKALLAEAWESLRPFAEEGLIYHEASVMAGTPALSFLETLRGSELLELHGILNGTTLYILQEM
EKGRTYAEALLEAQRLGYAEADPTLDVEGIDAAHKLTLLARLLVDPGFPFAEVEAQGIARLTPEVLQKAEARGERVRLVA
SLFGEGGRWRAAVAPRRLPQDHPLARARGNALWVRARPLGEAFVTGPGAGGGATASGLFADLLRFLSGAPGHLPAPRARP
PLEEGSPWPGVE
;
_entity_poly.pdbx_strand_id   A,B
#
# COMPACT_ATOMS: atom_id res chain seq x y z
N MET A 1 -7.11 17.50 24.61
CA MET A 1 -7.59 18.00 23.29
C MET A 1 -6.73 19.20 22.92
N GLU A 2 -6.16 19.21 21.70
CA GLU A 2 -5.32 20.27 21.22
C GLU A 2 -5.88 20.80 19.87
N ALA A 3 -5.59 22.05 19.61
CA ALA A 3 -5.92 22.66 18.29
C ALA A 3 -4.83 22.21 17.29
N LEU A 4 -5.25 21.87 16.10
CA LEU A 4 -4.30 21.62 15.01
C LEU A 4 -4.45 22.82 14.04
N LYS A 5 -3.52 23.71 14.08
CA LYS A 5 -3.58 24.91 13.27
C LYS A 5 -3.05 24.63 11.82
N ILE A 6 -3.93 24.76 10.84
CA ILE A 6 -3.59 24.33 9.47
C ILE A 6 -3.56 25.59 8.59
N ALA A 7 -2.48 25.79 7.87
CA ALA A 7 -2.37 26.77 6.77
C ALA A 7 -2.48 26.02 5.45
N LEU A 8 -3.51 26.34 4.64
CA LEU A 8 -3.79 25.66 3.39
C LEU A 8 -3.33 26.65 2.25
N LEU A 9 -2.40 26.22 1.39
CA LEU A 9 -1.91 26.98 0.20
C LEU A 9 -2.53 26.41 -1.05
N GLY A 10 -3.52 27.11 -1.58
CA GLY A 10 -4.34 26.65 -2.73
C GLY A 10 -5.77 26.41 -2.38
N GLY A 11 -6.63 27.01 -3.20
CA GLY A 11 -8.06 27.01 -3.04
C GLY A 11 -8.85 26.55 -4.27
N GLY A 12 -8.17 25.84 -5.14
CA GLY A 12 -8.72 25.19 -6.27
C GLY A 12 -9.49 23.95 -5.95
N THR A 13 -9.68 23.12 -6.96
CA THR A 13 -10.45 21.95 -6.79
C THR A 13 -9.98 21.02 -5.60
N VAL A 14 -8.68 20.85 -5.52
CA VAL A 14 -7.99 20.06 -4.51
C VAL A 14 -8.11 20.72 -3.11
N GLY A 15 -7.65 21.96 -2.99
CA GLY A 15 -7.76 22.74 -1.76
C GLY A 15 -9.11 22.81 -1.18
N SER A 16 -10.06 23.08 -2.05
CA SER A 16 -11.42 23.07 -1.67
C SER A 16 -11.96 21.68 -1.21
N ALA A 17 -11.57 20.63 -1.91
CA ALA A 17 -12.11 19.31 -1.51
C ALA A 17 -11.50 18.97 -0.11
N PHE A 18 -10.25 19.31 0.04
CA PHE A 18 -9.49 19.08 1.30
C PHE A 18 -10.08 19.86 2.50
N TYR A 19 -10.33 21.16 2.33
CA TYR A 19 -11.01 21.94 3.33
C TYR A 19 -12.32 21.32 3.76
N ASN A 20 -13.22 21.02 2.82
CA ASN A 20 -14.49 20.41 3.15
C ASN A 20 -14.35 19.00 3.78
N LEU A 21 -13.38 18.21 3.32
CA LEU A 21 -13.17 16.88 3.91
C LEU A 21 -12.69 16.97 5.38
N VAL A 22 -11.78 17.87 5.67
CA VAL A 22 -11.30 18.10 7.05
C VAL A 22 -12.45 18.48 8.02
N LEU A 23 -13.33 19.38 7.57
CA LEU A 23 -14.48 19.78 8.45
C LEU A 23 -15.51 18.70 8.53
N GLU A 24 -15.75 18.02 7.43
CA GLU A 24 -16.74 16.97 7.48
C GLU A 24 -16.28 15.85 8.39
N ARG A 25 -14.96 15.65 8.47
CA ARG A 25 -14.39 14.51 9.24
C ARG A 25 -13.77 14.99 10.56
N ALA A 26 -14.18 16.16 11.07
CA ALA A 26 -13.60 16.66 12.33
C ALA A 26 -13.73 15.65 13.54
N GLU A 27 -14.77 14.79 13.58
CA GLU A 27 -14.92 13.74 14.64
C GLU A 27 -13.78 12.70 14.58
N GLU A 28 -13.46 12.24 13.40
CA GLU A 28 -12.27 11.46 13.20
C GLU A 28 -11.04 12.15 13.85
N LEU A 29 -10.89 13.47 13.76
CA LEU A 29 -9.68 14.05 14.27
C LEU A 29 -9.67 14.12 15.81
N SER A 30 -10.86 14.30 16.40
CA SER A 30 -10.94 14.39 17.85
C SER A 30 -10.56 13.01 18.52
N ALA A 31 -10.76 11.92 17.81
CA ALA A 31 -10.21 10.59 18.26
C ALA A 31 -8.67 10.55 18.26
N PHE A 32 -7.96 11.54 17.70
CA PHE A 32 -6.52 11.82 18.04
C PHE A 32 -6.24 12.92 19.00
N GLY A 33 -7.25 13.45 19.65
CA GLY A 33 -7.06 14.54 20.56
C GLY A 33 -6.75 15.86 19.85
N VAL A 34 -7.32 16.07 18.65
CA VAL A 34 -7.16 17.40 18.02
C VAL A 34 -8.45 17.94 17.45
N VAL A 35 -8.45 19.26 17.29
CA VAL A 35 -9.57 19.94 16.59
C VAL A 35 -8.98 20.80 15.49
N PRO A 36 -9.55 20.69 14.28
CA PRO A 36 -8.86 21.35 13.16
C PRO A 36 -9.25 22.84 13.14
N ARG A 37 -8.27 23.69 13.00
CA ARG A 37 -8.49 25.13 12.95
C ARG A 37 -7.67 25.71 11.78
N PHE A 38 -8.37 26.02 10.69
CA PHE A 38 -7.68 26.70 9.52
C PHE A 38 -7.32 28.11 9.85
N LEU A 39 -6.07 28.48 9.59
CA LEU A 39 -5.54 29.80 9.76
C LEU A 39 -5.90 30.69 8.57
N GLY A 40 -5.93 30.09 7.40
CA GLY A 40 -6.20 30.78 6.16
C GLY A 40 -6.02 29.84 4.98
N VAL A 41 -6.61 30.24 3.87
CA VAL A 41 -6.45 29.52 2.62
C VAL A 41 -5.89 30.55 1.59
N LEU A 42 -4.63 30.38 1.17
CA LEU A 42 -4.06 31.20 0.08
C LEU A 42 -4.75 30.84 -1.24
N VAL A 43 -5.24 31.84 -1.98
CA VAL A 43 -5.99 31.57 -3.22
C VAL A 43 -5.35 32.39 -4.38
N ARG A 44 -5.23 31.73 -5.52
CA ARG A 44 -4.67 32.33 -6.73
C ARG A 44 -5.75 33.20 -7.30
N ASP A 45 -6.97 32.65 -7.49
CA ASP A 45 -8.05 33.33 -8.24
C ASP A 45 -9.25 33.79 -7.29
N PRO A 46 -9.17 34.98 -6.67
CA PRO A 46 -10.33 35.43 -5.81
C PRO A 46 -11.68 35.79 -6.54
N ARG A 50 -15.68 29.58 -5.09
CA ARG A 50 -15.26 28.26 -4.51
C ARG A 50 -16.03 27.79 -3.24
N ALA A 51 -15.86 26.51 -2.86
CA ALA A 51 -16.57 25.94 -1.76
C ALA A 51 -15.82 26.08 -0.44
N ILE A 52 -15.34 27.28 -0.20
CA ILE A 52 -14.71 27.66 1.09
C ILE A 52 -15.24 29.05 1.53
N PRO A 53 -15.57 29.23 2.83
CA PRO A 53 -16.02 30.58 3.24
C PRO A 53 -15.04 31.74 2.89
N GLN A 54 -15.64 32.76 2.30
CA GLN A 54 -14.91 33.94 1.87
C GLN A 54 -14.00 34.53 2.94
N GLU A 55 -14.47 34.58 4.18
CA GLU A 55 -13.64 35.16 5.25
C GLU A 55 -12.32 34.47 5.53
N LEU A 56 -12.23 33.20 5.14
CA LEU A 56 -10.98 32.40 5.36
C LEU A 56 -9.99 32.56 4.24
N LEU A 57 -10.50 33.06 3.10
CA LEU A 57 -9.62 33.27 1.91
C LEU A 57 -8.63 34.35 2.08
N ARG A 58 -7.43 34.14 1.54
CA ARG A 58 -6.37 35.11 1.60
C ARG A 58 -5.81 35.28 0.19
N ALA A 59 -5.90 36.53 -0.29
CA ALA A 59 -5.34 36.89 -1.59
C ALA A 59 -3.81 37.11 -1.49
N GLU A 60 -3.30 37.41 -0.31
CA GLU A 60 -1.85 37.63 -0.19
C GLU A 60 -1.28 36.60 0.79
N PRO A 61 0.05 36.24 0.69
CA PRO A 61 0.69 35.27 1.56
C PRO A 61 0.60 35.71 2.96
N PHE A 62 0.65 34.75 3.88
CA PHE A 62 0.43 34.99 5.31
C PHE A 62 1.47 34.27 6.08
N ASP A 63 1.76 34.71 7.30
CA ASP A 63 2.85 34.17 8.06
C ASP A 63 2.38 32.67 8.35
N LEU A 64 3.28 31.71 8.18
CA LEU A 64 2.97 30.28 8.41
C LEU A 64 3.61 29.77 9.70
N LEU A 65 4.45 30.56 10.34
CA LEU A 65 5.28 30.04 11.40
C LEU A 65 4.56 29.64 12.69
N GLU A 66 3.32 30.00 12.85
CA GLU A 66 2.52 29.54 14.00
C GLU A 66 1.64 28.37 13.60
N ALA A 67 1.71 27.90 12.36
CA ALA A 67 1.03 26.68 12.01
C ALA A 67 1.61 25.41 12.61
N ASP A 68 0.72 24.45 12.87
CA ASP A 68 1.13 23.08 13.19
C ASP A 68 1.41 22.26 11.94
N LEU A 69 0.73 22.59 10.83
CA LEU A 69 0.88 21.86 9.61
C LEU A 69 0.68 22.86 8.43
N VAL A 70 1.47 22.75 7.38
CA VAL A 70 1.16 23.42 6.10
C VAL A 70 0.71 22.34 5.10
N VAL A 71 -0.43 22.54 4.45
CA VAL A 71 -0.93 21.71 3.36
C VAL A 71 -0.84 22.56 2.07
N GLU A 72 -0.20 22.02 1.01
CA GLU A 72 0.04 22.73 -0.26
C GLU A 72 -0.51 21.97 -1.41
N ALA A 73 -1.43 22.60 -2.13
CA ALA A 73 -1.97 22.12 -3.41
C ALA A 73 -2.16 23.34 -4.37
N MET A 74 -1.14 24.14 -4.44
CA MET A 74 -1.07 25.32 -5.25
C MET A 74 -0.66 25.02 -6.72
N GLY A 75 0.07 23.94 -7.01
CA GLY A 75 0.80 23.85 -8.32
C GLY A 75 1.98 24.82 -8.50
N GLY A 76 2.84 24.51 -9.46
CA GLY A 76 4.06 25.29 -9.71
C GLY A 76 5.14 24.82 -8.83
N VAL A 77 6.28 25.49 -8.94
CA VAL A 77 7.47 25.15 -8.21
C VAL A 77 8.01 26.27 -7.38
N GLU A 78 8.49 27.38 -7.99
CA GLU A 78 9.27 28.29 -7.17
C GLU A 78 8.35 29.03 -6.14
N ALA A 79 7.18 29.42 -6.48
CA ALA A 79 6.29 30.20 -5.57
C ALA A 79 5.97 29.32 -4.33
N PRO A 80 5.43 28.08 -4.56
CA PRO A 80 5.21 27.23 -3.35
C PRO A 80 6.47 26.91 -2.61
N LEU A 81 7.58 26.70 -3.34
CA LEU A 81 8.81 26.46 -2.62
C LEU A 81 9.15 27.59 -1.67
N ARG A 82 9.09 28.82 -2.18
CA ARG A 82 9.48 29.90 -1.30
C ARG A 82 8.50 30.05 -0.11
N LEU A 83 7.24 29.73 -0.30
CA LEU A 83 6.24 29.82 0.78
C LEU A 83 6.46 28.71 1.81
N VAL A 84 6.87 27.50 1.39
CA VAL A 84 6.94 26.34 2.35
C VAL A 84 8.26 26.25 3.07
N LEU A 85 9.36 26.75 2.48
CA LEU A 85 10.65 26.57 3.08
C LEU A 85 10.84 27.18 4.47
N PRO A 86 10.36 28.42 4.72
CA PRO A 86 10.47 28.96 6.11
C PRO A 86 9.73 28.05 7.14
N ALA A 87 8.61 27.48 6.74
CA ALA A 87 7.84 26.54 7.59
C ALA A 87 8.64 25.30 7.85
N LEU A 88 9.18 24.69 6.79
CA LEU A 88 10.06 23.51 6.99
C LEU A 88 11.27 23.78 7.82
N GLU A 89 11.89 24.93 7.60
CA GLU A 89 13.03 25.33 8.46
C GLU A 89 12.69 25.43 9.94
N ALA A 90 11.47 25.87 10.25
CA ALA A 90 10.98 25.94 11.61
C ALA A 90 10.49 24.55 12.17
N GLY A 91 10.73 23.43 11.48
CA GLY A 91 10.20 22.15 11.86
C GLY A 91 8.74 21.95 11.70
N ILE A 92 8.04 22.65 10.83
CA ILE A 92 6.67 22.47 10.64
C ILE A 92 6.54 21.54 9.46
N PRO A 93 5.79 20.43 9.62
CA PRO A 93 5.61 19.54 8.46
C PRO A 93 4.79 20.09 7.30
N LEU A 94 5.02 19.51 6.14
CA LEU A 94 4.36 19.82 4.88
C LEU A 94 3.64 18.64 4.35
N ILE A 95 2.36 18.77 4.04
CA ILE A 95 1.63 17.76 3.34
C ILE A 95 1.35 18.38 1.98
N THR A 96 1.71 17.66 0.91
CA THR A 96 1.60 18.20 -0.43
C THR A 96 1.17 17.16 -1.41
N ALA A 97 0.52 17.63 -2.46
CA ALA A 97 0.26 16.83 -3.66
C ALA A 97 1.08 17.30 -4.86
N ASN A 98 2.04 18.16 -4.61
CA ASN A 98 2.71 18.89 -5.67
C ASN A 98 3.97 18.09 -6.17
N LYS A 99 3.71 17.24 -7.13
CA LYS A 99 4.78 16.41 -7.73
C LYS A 99 5.82 17.23 -8.51
N ALA A 100 5.37 18.32 -9.11
CA ALA A 100 6.36 19.16 -9.82
C ALA A 100 7.32 19.75 -8.85
N LEU A 101 6.79 20.30 -7.77
CA LEU A 101 7.66 20.89 -6.74
C LEU A 101 8.69 19.93 -6.22
N LEU A 102 8.25 18.67 -5.87
CA LEU A 102 9.16 17.75 -5.28
C LEU A 102 10.18 17.27 -6.32
N ALA A 103 9.72 17.09 -7.56
CA ALA A 103 10.63 16.58 -8.58
C ALA A 103 11.71 17.65 -8.92
N GLU A 104 11.31 18.94 -9.00
CA GLU A 104 12.26 20.00 -9.47
C GLU A 104 13.04 20.69 -8.38
N ALA A 105 12.52 20.77 -7.17
CA ALA A 105 13.22 21.51 -6.11
C ALA A 105 13.80 20.60 -5.03
N TRP A 106 14.26 19.42 -5.47
CA TRP A 106 14.66 18.36 -4.54
C TRP A 106 15.94 18.73 -3.86
N GLU A 107 16.76 19.54 -4.50
CA GLU A 107 17.95 20.02 -3.81
C GLU A 107 17.60 20.80 -2.52
N SER A 108 16.58 21.62 -2.56
CA SER A 108 16.17 22.35 -1.39
C SER A 108 15.33 21.44 -0.45
N LEU A 109 14.52 20.51 -1.00
CA LEU A 109 13.51 19.77 -0.20
C LEU A 109 13.98 18.46 0.40
N ARG A 110 14.96 17.86 -0.22
CA ARG A 110 15.48 16.61 0.27
C ARG A 110 15.87 16.57 1.75
N PRO A 111 16.56 17.61 2.27
CA PRO A 111 17.00 17.49 3.66
C PRO A 111 15.82 17.41 4.60
N PHE A 112 14.72 18.07 4.26
CA PHE A 112 13.52 18.04 5.12
C PHE A 112 12.76 16.71 4.94
N ALA A 113 12.73 16.23 3.69
CA ALA A 113 12.20 14.86 3.46
C ALA A 113 12.94 13.77 4.28
N GLU A 114 14.23 13.89 4.33
CA GLU A 114 15.04 12.97 5.12
C GLU A 114 14.76 13.07 6.65
N GLU A 115 14.28 14.20 7.13
CA GLU A 115 13.91 14.32 8.54
C GLU A 115 12.46 13.96 8.82
N GLY A 116 11.69 13.48 7.84
CA GLY A 116 10.30 13.07 8.04
C GLY A 116 9.26 14.17 8.08
N LEU A 117 9.58 15.33 7.53
CA LEU A 117 8.74 16.49 7.56
C LEU A 117 7.89 16.59 6.30
N ILE A 118 8.11 15.77 5.27
CA ILE A 118 7.23 15.89 4.08
C ILE A 118 6.42 14.67 3.84
N TYR A 119 5.10 14.87 3.74
CA TYR A 119 4.13 13.83 3.48
C TYR A 119 3.63 14.13 2.10
N HIS A 120 3.68 13.19 1.18
CA HIS A 120 3.30 13.41 -0.20
C HIS A 120 2.65 12.21 -0.92
N GLU A 121 1.89 11.42 -0.15
CA GLU A 121 1.15 10.36 -0.79
C GLU A 121 0.30 10.88 -1.97
N ALA A 122 -0.37 12.05 -1.79
CA ALA A 122 -1.27 12.57 -2.79
C ALA A 122 -0.55 13.00 -4.12
N SER A 123 0.74 13.11 -4.07
CA SER A 123 1.59 13.51 -5.23
C SER A 123 1.77 12.45 -6.31
N VAL A 124 1.45 11.18 -5.98
CA VAL A 124 1.46 10.11 -7.00
C VAL A 124 0.22 9.27 -6.85
N MET A 125 -0.58 9.20 -7.90
CA MET A 125 -1.83 8.50 -7.96
C MET A 125 -2.81 8.97 -6.91
N ALA A 126 -2.69 10.24 -6.54
CA ALA A 126 -3.69 10.85 -5.66
C ALA A 126 -3.78 10.02 -4.35
N GLY A 127 -4.99 9.79 -3.84
CA GLY A 127 -5.19 9.00 -2.61
C GLY A 127 -5.07 7.47 -2.81
N THR A 128 -4.79 7.03 -4.04
CA THR A 128 -4.51 5.62 -4.30
C THR A 128 -3.13 5.35 -3.68
N PRO A 129 -2.98 4.24 -2.93
CA PRO A 129 -1.70 4.00 -2.22
C PRO A 129 -0.56 3.74 -3.27
N ALA A 130 0.52 4.51 -3.24
CA ALA A 130 1.58 4.42 -4.24
C ALA A 130 2.86 4.56 -3.50
N LEU A 131 3.04 5.65 -2.75
CA LEU A 131 4.22 5.81 -1.96
C LEU A 131 4.19 4.68 -0.80
N SER A 132 3.06 4.49 -0.16
CA SER A 132 2.95 3.46 0.93
C SER A 132 3.09 2.06 0.35
N PHE A 133 2.62 1.85 -0.88
CA PHE A 133 2.84 0.61 -1.57
C PHE A 133 4.37 0.34 -1.72
N LEU A 134 5.16 1.34 -2.14
CA LEU A 134 6.60 1.16 -2.28
C LEU A 134 7.30 1.09 -0.99
N GLU A 135 6.80 1.77 0.04
CA GLU A 135 7.38 1.69 1.38
C GLU A 135 7.34 0.17 1.84
N THR A 136 6.26 -0.52 1.59
CA THR A 136 6.11 -1.94 1.99
C THR A 136 6.97 -2.81 1.03
N LEU A 137 6.99 -2.46 -0.25
CA LEU A 137 7.89 -3.14 -1.20
C LEU A 137 9.37 -3.03 -0.89
N ARG A 138 9.82 -2.12 -0.05
CA ARG A 138 11.20 -2.06 0.33
C ARG A 138 11.66 -3.33 1.02
N GLY A 139 10.73 -4.15 1.50
CA GLY A 139 11.09 -5.48 2.00
C GLY A 139 11.86 -6.31 0.98
N SER A 140 11.58 -6.04 -0.27
CA SER A 140 12.19 -6.70 -1.41
C SER A 140 13.07 -5.73 -2.19
N GLU A 141 13.75 -6.24 -3.21
CA GLU A 141 14.54 -5.39 -4.09
C GLU A 141 13.89 -5.40 -5.44
N LEU A 142 13.80 -4.20 -6.00
CA LEU A 142 13.10 -4.03 -7.26
C LEU A 142 13.83 -4.66 -8.40
N LEU A 143 13.11 -5.40 -9.24
CA LEU A 143 13.60 -5.90 -10.52
C LEU A 143 13.04 -5.00 -11.69
N GLU A 144 11.75 -4.70 -11.72
CA GLU A 144 11.23 -3.69 -12.66
C GLU A 144 9.96 -3.09 -12.10
N LEU A 145 9.74 -1.81 -12.46
CA LEU A 145 8.56 -1.05 -12.10
C LEU A 145 7.99 -0.47 -13.37
N HIS A 146 6.71 -0.62 -13.56
CA HIS A 146 5.99 0.03 -14.64
C HIS A 146 4.67 0.55 -14.09
N GLY A 147 4.39 1.84 -14.35
CA GLY A 147 3.10 2.48 -13.99
C GLY A 147 2.39 3.25 -15.05
N ILE A 148 1.08 3.38 -14.91
CA ILE A 148 0.25 4.30 -15.65
C ILE A 148 -0.11 5.35 -14.61
N LEU A 149 0.66 6.44 -14.65
CA LEU A 149 0.68 7.41 -13.58
C LEU A 149 -0.01 8.74 -13.93
N ASN A 150 -0.55 8.91 -15.11
CA ASN A 150 -1.26 10.16 -15.47
C ASN A 150 -2.63 9.80 -15.87
N GLY A 151 -3.64 10.36 -15.20
CA GLY A 151 -5.01 10.11 -15.56
C GLY A 151 -5.53 10.68 -16.82
N THR A 152 -5.06 11.91 -17.13
CA THR A 152 -5.53 12.53 -18.35
C THR A 152 -5.20 11.76 -19.60
N THR A 153 -3.95 11.30 -19.72
CA THR A 153 -3.58 10.53 -20.89
C THR A 153 -4.22 9.14 -20.89
N LEU A 154 -4.43 8.59 -19.71
CA LEU A 154 -5.19 7.27 -19.67
C LEU A 154 -6.58 7.48 -20.23
N TYR A 155 -7.25 8.54 -19.72
CA TYR A 155 -8.59 8.91 -20.28
C TYR A 155 -8.56 9.07 -21.78
N ILE A 156 -7.57 9.86 -22.27
CA ILE A 156 -7.54 10.10 -23.68
C ILE A 156 -7.34 8.85 -24.52
N LEU A 157 -6.39 8.04 -24.08
CA LEU A 157 -6.16 6.75 -24.83
C LEU A 157 -7.43 5.90 -24.78
N GLN A 158 -8.06 5.88 -23.62
CA GLN A 158 -9.31 5.03 -23.49
C GLN A 158 -10.37 5.56 -24.37
N GLU A 159 -10.45 6.90 -24.51
CA GLU A 159 -11.45 7.42 -25.43
C GLU A 159 -11.10 7.28 -26.82
N MET A 160 -9.82 7.32 -27.19
CA MET A 160 -9.46 7.19 -28.58
C MET A 160 -9.64 5.73 -29.08
N GLU A 161 -9.50 4.76 -28.15
CA GLU A 161 -9.87 3.32 -28.42
C GLU A 161 -11.31 3.19 -28.86
N LYS A 162 -12.19 3.87 -28.15
CA LYS A 162 -13.60 3.98 -28.52
C LYS A 162 -13.88 4.81 -29.81
N GLY A 163 -12.85 5.20 -30.58
CA GLY A 163 -12.97 6.13 -31.73
C GLY A 163 -13.03 7.66 -31.49
N ARG A 164 -13.19 8.15 -30.27
CA ARG A 164 -13.07 9.56 -30.03
C ARG A 164 -11.64 10.12 -30.54
N THR A 165 -11.64 11.34 -31.08
CA THR A 165 -10.38 12.04 -31.46
C THR A 165 -9.70 12.52 -30.20
N TYR A 166 -8.38 12.72 -30.32
CA TYR A 166 -7.52 13.31 -29.29
C TYR A 166 -8.14 14.57 -28.72
N ALA A 167 -8.49 15.51 -29.63
CA ALA A 167 -8.91 16.84 -29.14
C ALA A 167 -10.22 16.69 -28.43
N GLU A 168 -11.10 15.87 -29.02
CA GLU A 168 -12.41 15.76 -28.33
C GLU A 168 -12.26 15.08 -26.96
N ALA A 169 -11.36 14.07 -26.83
CA ALA A 169 -11.15 13.45 -25.50
C ALA A 169 -10.48 14.33 -24.55
N LEU A 170 -9.54 15.15 -25.04
CA LEU A 170 -8.87 16.02 -24.12
C LEU A 170 -9.86 17.04 -23.52
N LEU A 171 -10.74 17.58 -24.36
CA LEU A 171 -11.67 18.64 -23.83
C LEU A 171 -12.53 17.98 -22.70
N GLU A 172 -13.03 16.77 -23.00
CA GLU A 172 -13.87 15.94 -22.06
C GLU A 172 -13.02 15.75 -20.82
N ALA A 173 -11.70 15.48 -20.96
CA ALA A 173 -10.88 15.33 -19.77
C ALA A 173 -10.76 16.55 -18.99
N GLN A 174 -10.71 17.65 -19.75
CA GLN A 174 -10.68 18.97 -19.11
C GLN A 174 -12.00 19.28 -18.26
N ARG A 175 -13.20 19.05 -18.79
CA ARG A 175 -14.47 19.20 -18.04
C ARG A 175 -14.37 18.37 -16.77
N LEU A 176 -14.06 17.06 -16.91
CA LEU A 176 -13.87 16.14 -15.74
C LEU A 176 -12.89 16.59 -14.69
N GLY A 177 -12.11 17.64 -14.92
CA GLY A 177 -11.08 18.04 -13.92
C GLY A 177 -9.77 17.24 -13.82
N TYR A 178 -9.47 16.36 -14.78
CA TYR A 178 -8.20 15.55 -14.70
C TYR A 178 -6.93 16.29 -15.06
N ALA A 179 -7.04 17.21 -16.04
CA ALA A 179 -5.85 17.81 -16.74
C ALA A 179 -5.19 18.85 -15.91
N GLU A 180 -3.87 18.91 -15.92
CA GLU A 180 -3.20 20.13 -15.50
C GLU A 180 -3.77 21.40 -16.31
N ALA A 181 -3.58 22.57 -15.73
CA ALA A 181 -4.14 23.85 -16.33
C ALA A 181 -3.59 24.06 -17.77
N ASP A 182 -2.31 23.73 -17.93
CA ASP A 182 -1.73 23.41 -19.30
C ASP A 182 -1.59 21.90 -19.52
N PRO A 183 -2.44 21.36 -20.39
CA PRO A 183 -2.53 19.95 -20.63
C PRO A 183 -1.20 19.38 -21.23
N THR A 184 -0.26 20.25 -21.68
CA THR A 184 1.02 19.83 -22.19
C THR A 184 1.73 18.89 -21.13
N LEU A 185 1.61 19.23 -19.87
CA LEU A 185 2.34 18.50 -18.81
C LEU A 185 1.83 17.04 -18.78
N ASP A 186 0.57 16.84 -19.04
CA ASP A 186 -0.02 15.54 -19.20
C ASP A 186 0.38 14.85 -20.50
N VAL A 187 0.05 15.45 -21.63
CA VAL A 187 0.15 14.82 -22.91
C VAL A 187 1.56 14.60 -23.43
N GLU A 188 2.57 15.25 -22.88
CA GLU A 188 3.93 15.07 -23.32
C GLU A 188 4.68 14.28 -22.27
N GLY A 189 3.97 13.73 -21.27
CA GLY A 189 4.63 12.76 -20.39
C GLY A 189 5.37 13.34 -19.24
N ILE A 190 5.24 14.64 -19.05
CA ILE A 190 6.04 15.31 -18.07
C ILE A 190 5.53 14.99 -16.61
N ASP A 191 4.24 15.10 -16.46
CA ASP A 191 3.53 14.81 -15.20
C ASP A 191 3.87 13.35 -14.79
N ALA A 192 3.73 12.40 -15.72
CA ALA A 192 4.25 11.01 -15.42
C ALA A 192 5.68 10.97 -14.98
N ALA A 193 6.56 11.79 -15.59
CA ALA A 193 7.94 11.78 -15.28
C ALA A 193 8.28 12.44 -13.93
N HIS A 194 7.49 13.47 -13.52
CA HIS A 194 7.62 13.98 -12.17
C HIS A 194 7.31 12.78 -11.14
N LYS A 195 6.19 12.15 -11.35
CA LYS A 195 5.71 11.05 -10.45
C LYS A 195 6.71 9.91 -10.41
N LEU A 196 7.24 9.51 -11.56
CA LEU A 196 8.27 8.49 -11.62
C LEU A 196 9.50 8.82 -10.88
N THR A 197 9.89 10.08 -10.93
CA THR A 197 11.03 10.47 -10.20
C THR A 197 10.83 10.27 -8.69
N LEU A 198 9.62 10.63 -8.21
CA LEU A 198 9.33 10.54 -6.79
C LEU A 198 9.39 9.05 -6.34
N LEU A 199 8.81 8.19 -7.15
CA LEU A 199 8.86 6.72 -6.87
C LEU A 199 10.30 6.17 -6.84
N ALA A 200 11.16 6.62 -7.72
CA ALA A 200 12.52 6.19 -7.74
C ALA A 200 13.25 6.64 -6.52
N ARG A 201 12.96 7.84 -6.01
CA ARG A 201 13.70 8.35 -4.90
C ARG A 201 13.30 7.62 -3.60
N LEU A 202 12.10 7.12 -3.57
CA LEU A 202 11.63 6.42 -2.35
C LEU A 202 12.23 5.03 -2.27
N LEU A 203 12.26 4.32 -3.36
CA LEU A 203 12.58 2.93 -3.39
C LEU A 203 14.05 2.64 -3.72
N VAL A 204 14.63 3.32 -4.73
CA VAL A 204 15.94 2.88 -5.28
C VAL A 204 17.04 3.93 -5.28
N ASP A 205 16.76 5.23 -5.33
CA ASP A 205 17.90 6.17 -5.34
C ASP A 205 17.46 7.54 -4.90
N PRO A 206 17.82 7.91 -3.67
CA PRO A 206 17.26 9.12 -3.06
C PRO A 206 17.75 10.41 -3.75
N GLY A 207 18.77 10.34 -4.59
CA GLY A 207 19.26 11.51 -5.37
C GLY A 207 18.75 11.52 -6.79
N PHE A 208 17.81 10.63 -7.17
CA PHE A 208 17.45 10.51 -8.61
C PHE A 208 17.03 11.84 -9.21
N PRO A 209 17.76 12.35 -10.24
CA PRO A 209 17.34 13.63 -10.86
C PRO A 209 16.21 13.56 -11.82
N PHE A 210 15.21 14.48 -11.71
CA PHE A 210 14.09 14.52 -12.66
C PHE A 210 14.64 14.58 -14.10
N ALA A 211 15.76 15.29 -14.25
CA ALA A 211 16.36 15.52 -15.61
C ALA A 211 16.83 14.24 -16.23
N GLU A 212 17.08 13.15 -15.48
CA GLU A 212 17.49 11.88 -16.11
C GLU A 212 16.33 11.10 -16.68
N VAL A 213 15.09 11.43 -16.34
CA VAL A 213 13.97 10.70 -16.88
C VAL A 213 13.88 11.00 -18.38
N GLU A 214 13.77 9.99 -19.24
CA GLU A 214 13.58 10.17 -20.68
C GLU A 214 12.11 10.04 -20.91
N ALA A 215 11.46 11.15 -21.22
CA ALA A 215 10.02 11.22 -21.31
C ALA A 215 9.54 11.53 -22.70
N GLN A 216 8.60 10.77 -23.20
CA GLN A 216 7.77 11.24 -24.32
C GLN A 216 6.36 10.92 -24.11
N GLY A 217 5.50 11.65 -24.80
CA GLY A 217 4.10 11.55 -24.64
C GLY A 217 3.36 10.82 -25.67
N ILE A 218 2.08 11.17 -25.80
CA ILE A 218 1.17 10.48 -26.70
C ILE A 218 0.93 11.12 -28.07
N ALA A 219 1.80 12.04 -28.46
CA ALA A 219 1.50 12.86 -29.72
C ALA A 219 1.51 12.11 -31.02
N ARG A 220 2.22 10.99 -31.10
CA ARG A 220 2.12 10.10 -32.28
C ARG A 220 0.84 9.21 -32.33
N LEU A 221 -0.02 9.24 -31.31
CA LEU A 221 -1.09 8.26 -31.24
C LEU A 221 -2.36 8.87 -31.74
N THR A 222 -3.14 8.04 -32.45
CA THR A 222 -4.44 8.38 -33.01
C THR A 222 -5.37 7.17 -32.82
N PRO A 223 -6.70 7.36 -33.01
CA PRO A 223 -7.61 6.22 -33.16
C PRO A 223 -7.11 5.09 -34.09
N GLU A 224 -6.51 5.38 -35.25
CA GLU A 224 -6.09 4.32 -36.19
C GLU A 224 -4.97 3.52 -35.56
N VAL A 225 -4.02 4.19 -34.90
CA VAL A 225 -2.94 3.44 -34.26
C VAL A 225 -3.48 2.48 -33.15
N LEU A 226 -4.40 2.98 -32.33
CA LEU A 226 -4.91 2.19 -31.26
C LEU A 226 -5.74 1.00 -31.78
N GLN A 227 -6.52 1.19 -32.87
CA GLN A 227 -7.21 0.06 -33.58
C GLN A 227 -6.27 -0.97 -34.19
N LYS A 228 -5.16 -0.55 -34.78
CA LYS A 228 -4.17 -1.48 -35.27
C LYS A 228 -3.65 -2.33 -34.08
N ALA A 229 -3.44 -1.68 -32.93
CA ALA A 229 -2.92 -2.37 -31.77
C ALA A 229 -3.96 -3.40 -31.30
N GLU A 230 -5.21 -2.99 -31.20
CA GLU A 230 -6.30 -3.90 -30.84
C GLU A 230 -6.39 -5.18 -31.70
N ALA A 231 -6.18 -5.04 -32.99
CA ALA A 231 -6.21 -6.17 -33.91
C ALA A 231 -5.06 -7.12 -33.67
N ARG A 232 -3.95 -6.63 -33.15
CA ARG A 232 -2.79 -7.43 -32.75
C ARG A 232 -2.93 -8.03 -31.30
N GLY A 233 -4.09 -7.91 -30.65
CA GLY A 233 -4.26 -8.22 -29.21
C GLY A 233 -3.51 -7.35 -28.17
N GLU A 234 -3.24 -6.09 -28.50
CA GLU A 234 -2.47 -5.20 -27.65
C GLU A 234 -3.32 -3.98 -27.26
N ARG A 235 -2.90 -3.30 -26.20
CA ARG A 235 -3.41 -1.95 -25.88
C ARG A 235 -2.16 -1.10 -25.80
N VAL A 236 -2.26 0.16 -26.19
CA VAL A 236 -1.15 1.10 -26.01
C VAL A 236 -1.43 1.97 -24.80
N ARG A 237 -0.44 2.16 -23.94
CA ARG A 237 -0.61 3.05 -22.80
C ARG A 237 0.66 3.78 -22.66
N LEU A 238 0.52 4.93 -22.04
CA LEU A 238 1.68 5.68 -21.59
C LEU A 238 2.20 5.09 -20.30
N VAL A 239 3.44 4.55 -20.31
CA VAL A 239 4.00 3.80 -19.18
C VAL A 239 5.25 4.44 -18.69
N ALA A 240 5.35 4.58 -17.37
CA ALA A 240 6.51 5.07 -16.67
C ALA A 240 7.27 3.91 -16.14
N SER A 241 8.51 3.70 -16.62
CA SER A 241 9.30 2.51 -16.25
C SER A 241 10.50 2.88 -15.50
N LEU A 242 10.88 2.01 -14.59
CA LEU A 242 12.12 2.07 -13.88
C LEU A 242 12.80 0.67 -13.93
N PHE A 243 14.05 0.62 -14.31
CA PHE A 243 14.73 -0.70 -14.59
C PHE A 243 16.23 -0.41 -14.68
N GLY A 244 17.04 -1.46 -14.46
CA GLY A 244 18.51 -1.31 -14.46
C GLY A 244 19.01 -1.49 -15.88
N GLU A 245 20.04 -0.75 -16.22
CA GLU A 245 20.75 -0.92 -17.49
C GLU A 245 22.16 -0.45 -17.28
N GLY A 246 23.06 -1.35 -17.70
CA GLY A 246 24.43 -1.33 -17.30
C GLY A 246 24.69 -0.77 -15.92
N GLY A 247 24.22 -1.42 -14.87
CA GLY A 247 24.69 -1.08 -13.52
C GLY A 247 24.02 0.11 -12.86
N ARG A 248 23.14 0.83 -13.61
CA ARG A 248 22.51 2.07 -13.11
C ARG A 248 20.95 1.98 -13.31
N TRP A 249 20.20 2.68 -12.44
CA TRP A 249 18.76 2.85 -12.67
C TRP A 249 18.43 3.77 -13.81
N ARG A 250 17.56 3.32 -14.70
CA ARG A 250 17.02 4.18 -15.78
C ARG A 250 15.52 4.40 -15.63
N ALA A 251 15.05 5.60 -16.00
CA ALA A 251 13.67 5.93 -15.89
C ALA A 251 13.21 6.42 -17.23
N ALA A 252 12.08 5.91 -17.70
CA ALA A 252 11.52 6.33 -18.96
C ALA A 252 10.01 6.43 -18.91
N VAL A 253 9.47 7.37 -19.68
CA VAL A 253 8.09 7.46 -19.94
C VAL A 253 7.84 7.40 -21.43
N ALA A 254 6.99 6.52 -21.90
CA ALA A 254 6.72 6.43 -23.31
C ALA A 254 5.54 5.57 -23.54
N PRO A 255 4.88 5.71 -24.69
CA PRO A 255 3.85 4.78 -25.05
C PRO A 255 4.45 3.38 -25.28
N ARG A 256 3.73 2.35 -24.85
CA ARG A 256 4.17 0.94 -24.92
C ARG A 256 3.00 0.14 -25.37
N ARG A 257 3.31 -0.89 -26.16
CA ARG A 257 2.37 -1.86 -26.67
C ARG A 257 2.25 -2.91 -25.53
N LEU A 258 1.13 -3.06 -24.87
CA LEU A 258 1.00 -4.02 -23.80
C LEU A 258 0.07 -5.18 -24.28
N PRO A 259 0.29 -6.42 -23.75
CA PRO A 259 -0.70 -7.45 -23.96
C PRO A 259 -2.00 -7.06 -23.36
N GLN A 260 -3.08 -7.34 -24.06
CA GLN A 260 -4.38 -6.83 -23.65
C GLN A 260 -4.87 -7.34 -22.33
N ASP A 261 -4.38 -8.50 -21.93
CA ASP A 261 -4.78 -9.05 -20.66
C ASP A 261 -3.78 -8.69 -19.58
N HIS A 262 -2.71 -7.92 -19.85
CA HIS A 262 -1.82 -7.51 -18.78
C HIS A 262 -2.60 -6.59 -17.77
N PRO A 263 -2.29 -6.77 -16.47
CA PRO A 263 -2.89 -5.92 -15.40
C PRO A 263 -2.87 -4.42 -15.74
N LEU A 264 -1.76 -3.99 -16.28
CA LEU A 264 -1.60 -2.58 -16.69
C LEU A 264 -2.53 -2.21 -17.83
N ALA A 265 -2.80 -3.11 -18.78
CA ALA A 265 -3.73 -2.85 -19.83
C ALA A 265 -5.18 -2.89 -19.43
N ARG A 266 -5.50 -3.65 -18.42
CA ARG A 266 -6.87 -3.88 -18.01
C ARG A 266 -7.21 -2.80 -16.93
N ALA A 267 -6.27 -2.22 -16.24
CA ALA A 267 -6.62 -1.13 -15.30
C ALA A 267 -7.46 0.08 -15.83
N ARG A 268 -8.53 0.36 -15.12
CA ARG A 268 -9.45 1.50 -15.47
C ARG A 268 -8.92 2.77 -14.82
N GLY A 269 -8.16 2.71 -13.73
CA GLY A 269 -7.50 3.89 -13.22
C GLY A 269 -6.01 3.81 -13.32
N ASN A 270 -5.31 4.65 -12.58
CA ASN A 270 -3.89 4.61 -12.59
C ASN A 270 -3.45 3.30 -11.94
N ALA A 271 -2.23 2.89 -12.23
CA ALA A 271 -1.76 1.56 -11.76
C ALA A 271 -0.26 1.58 -11.65
N LEU A 272 0.28 0.89 -10.64
CA LEU A 272 1.68 0.70 -10.50
C LEU A 272 1.94 -0.83 -10.38
N TRP A 273 2.86 -1.39 -11.18
CA TRP A 273 3.07 -2.81 -11.27
C TRP A 273 4.53 -3.00 -11.06
N VAL A 274 4.88 -3.93 -10.18
CA VAL A 274 6.26 -4.16 -9.80
C VAL A 274 6.59 -5.68 -9.77
N ARG A 275 7.81 -6.01 -10.17
N ARG A 275 7.83 -6.01 -10.07
CA ARG A 275 8.43 -7.34 -9.88
CA ARG A 275 8.34 -7.37 -9.90
C ARG A 275 9.55 -7.07 -8.96
C ARG A 275 9.57 -7.13 -9.04
N ALA A 276 9.66 -7.86 -7.93
CA ALA A 276 10.66 -7.60 -6.92
C ALA A 276 11.12 -8.91 -6.30
N ARG A 277 12.31 -8.90 -5.73
CA ARG A 277 12.91 -10.13 -5.10
C ARG A 277 13.02 -9.99 -3.62
N PRO A 278 12.43 -10.93 -2.83
CA PRO A 278 11.80 -12.16 -3.23
C PRO A 278 10.30 -12.16 -3.34
N LEU A 279 9.62 -11.02 -3.14
CA LEU A 279 8.15 -11.02 -3.14
C LEU A 279 7.55 -11.60 -4.34
N GLY A 280 7.95 -11.17 -5.53
CA GLY A 280 7.33 -11.62 -6.78
C GLY A 280 6.64 -10.41 -7.45
N GLU A 281 5.46 -10.61 -8.01
N GLU A 281 5.46 -10.62 -8.04
CA GLU A 281 4.77 -9.59 -8.76
CA GLU A 281 4.73 -9.62 -8.81
C GLU A 281 3.59 -9.01 -7.95
C GLU A 281 3.59 -9.02 -7.95
N ALA A 282 3.56 -7.69 -7.79
CA ALA A 282 2.46 -7.02 -7.06
C ALA A 282 1.98 -5.80 -7.84
N PHE A 283 0.82 -5.24 -7.46
N PHE A 283 0.69 -5.45 -7.75
CA PHE A 283 0.14 -4.31 -8.33
CA PHE A 283 0.23 -4.21 -8.40
C PHE A 283 -0.83 -3.53 -7.44
C PHE A 283 -0.97 -3.58 -7.70
N VAL A 284 -1.00 -2.23 -7.70
CA VAL A 284 -2.05 -1.44 -7.02
C VAL A 284 -2.68 -0.58 -8.11
N THR A 285 -3.99 -0.29 -8.00
CA THR A 285 -4.66 0.53 -8.95
C THR A 285 -5.76 1.31 -8.25
N GLY A 286 -6.05 2.50 -8.76
CA GLY A 286 -7.22 3.22 -8.31
C GLY A 286 -7.16 4.61 -9.02
N PRO A 287 -8.04 5.53 -8.58
CA PRO A 287 -8.12 6.89 -9.22
C PRO A 287 -6.88 7.66 -8.93
N GLY A 288 -6.31 8.23 -9.98
CA GLY A 288 -5.07 9.00 -9.91
C GLY A 288 -5.18 10.53 -10.00
N ALA A 289 -6.41 11.02 -10.08
CA ALA A 289 -6.72 12.40 -10.35
C ALA A 289 -8.05 12.72 -9.83
N GLY A 290 -8.28 14.00 -9.64
CA GLY A 290 -9.59 14.45 -9.19
C GLY A 290 -9.48 15.08 -7.83
N GLY A 291 -10.45 15.98 -7.53
CA GLY A 291 -10.48 16.65 -6.26
C GLY A 291 -10.63 15.72 -5.07
N GLY A 292 -11.69 14.94 -5.06
CA GLY A 292 -11.96 14.05 -3.94
C GLY A 292 -10.83 12.98 -3.81
N ALA A 293 -10.39 12.42 -4.93
CA ALA A 293 -9.26 11.46 -4.89
C ALA A 293 -8.01 12.03 -4.29
N THR A 294 -7.65 13.23 -4.72
CA THR A 294 -6.51 13.93 -4.11
C THR A 294 -6.66 14.30 -2.68
N ALA A 295 -7.83 14.84 -2.33
CA ALA A 295 -8.09 15.21 -1.00
C ALA A 295 -7.98 13.95 -0.07
N SER A 296 -8.40 12.78 -0.55
CA SER A 296 -8.29 11.51 0.30
C SER A 296 -6.85 11.24 0.69
N GLY A 297 -5.94 11.49 -0.27
CA GLY A 297 -4.52 11.35 -0.06
C GLY A 297 -3.92 12.30 0.93
N LEU A 298 -4.30 13.56 0.79
CA LEU A 298 -3.83 14.57 1.72
C LEU A 298 -4.36 14.32 3.14
N PHE A 299 -5.60 13.91 3.24
CA PHE A 299 -6.21 13.61 4.55
C PHE A 299 -5.57 12.31 5.14
N ALA A 300 -5.27 11.34 4.29
CA ALA A 300 -4.48 10.10 4.75
C ALA A 300 -3.21 10.49 5.42
N ASP A 301 -2.53 11.48 4.80
CA ASP A 301 -1.28 11.96 5.32
C ASP A 301 -1.45 12.71 6.58
N LEU A 302 -2.53 13.49 6.64
CA LEU A 302 -2.85 14.19 7.91
C LEU A 302 -3.05 13.19 9.12
N LEU A 303 -3.76 12.12 8.85
CA LEU A 303 -3.97 11.09 9.83
C LEU A 303 -2.69 10.33 10.18
N ARG A 304 -1.86 10.09 9.18
CA ARG A 304 -0.54 9.53 9.36
C ARG A 304 0.26 10.37 10.34
N PHE A 305 0.34 11.67 10.03
CA PHE A 305 0.98 12.64 10.92
C PHE A 305 0.39 12.62 12.32
N LEU A 306 -0.92 12.70 12.39
CA LEU A 306 -1.53 12.84 13.74
C LEU A 306 -1.32 11.54 14.56
N SER A 307 -1.10 10.39 13.92
CA SER A 307 -0.95 9.14 14.67
C SER A 307 0.47 9.06 15.17
N GLY A 308 1.34 10.01 14.80
CA GLY A 308 2.73 10.03 15.25
C GLY A 308 3.71 9.40 14.27
N ALA A 309 3.29 9.07 13.06
CA ALA A 309 4.18 8.48 12.05
C ALA A 309 4.81 9.68 11.25
N PRO A 310 6.10 9.64 10.99
CA PRO A 310 6.77 10.58 10.12
C PRO A 310 6.39 10.55 8.69
N GLY A 311 6.81 11.57 7.93
CA GLY A 311 6.49 11.59 6.54
C GLY A 311 7.27 10.57 5.70
N HIS A 312 7.13 10.71 4.39
CA HIS A 312 7.80 9.84 3.44
C HIS A 312 9.27 10.13 3.29
N LEU A 313 10.10 9.14 3.60
CA LEU A 313 11.54 9.24 3.55
C LEU A 313 12.06 8.79 2.20
N PRO A 314 13.12 9.47 1.72
CA PRO A 314 13.84 8.97 0.57
C PRO A 314 14.46 7.68 0.96
N ALA A 315 14.75 6.83 -0.01
CA ALA A 315 15.71 5.73 0.28
C ALA A 315 16.93 6.16 1.03
N PRO A 316 17.42 5.34 1.99
CA PRO A 316 18.57 5.70 2.83
C PRO A 316 19.89 5.77 2.07
N ARG A 317 19.96 5.06 0.97
CA ARG A 317 21.12 5.01 0.09
C ARG A 317 20.70 4.49 -1.28
N ALA A 318 21.41 4.82 -2.36
CA ALA A 318 21.06 4.23 -3.67
C ALA A 318 21.19 2.69 -3.57
N ARG A 319 20.31 1.94 -4.17
CA ARG A 319 20.36 0.47 -4.15
C ARG A 319 20.92 -0.04 -5.45
N PRO A 320 21.57 -1.22 -5.41
CA PRO A 320 22.12 -1.87 -6.64
C PRO A 320 21.02 -2.52 -7.47
N PRO A 321 20.96 -2.26 -8.80
CA PRO A 321 20.04 -3.00 -9.68
C PRO A 321 20.46 -4.45 -9.72
N LEU A 322 19.50 -5.36 -9.70
CA LEU A 322 19.86 -6.77 -9.73
C LEU A 322 19.86 -7.36 -11.10
N GLU A 323 19.16 -6.69 -12.01
CA GLU A 323 18.87 -7.24 -13.33
C GLU A 323 19.15 -6.09 -14.32
N GLU A 324 19.84 -6.33 -15.43
CA GLU A 324 19.88 -5.39 -16.56
C GLU A 324 18.64 -5.81 -17.28
N GLY A 325 17.53 -5.07 -17.04
CA GLY A 325 16.24 -5.29 -17.72
C GLY A 325 16.03 -4.45 -18.97
N SER A 326 14.79 -4.50 -19.48
CA SER A 326 14.21 -3.41 -20.32
C SER A 326 12.70 -3.52 -20.31
N MET B 1 28.47 2.39 14.08
CA MET B 1 27.86 1.10 13.64
C MET B 1 27.41 0.25 14.86
N GLU B 2 26.21 0.56 15.34
CA GLU B 2 25.62 -0.06 16.53
C GLU B 2 25.02 -1.39 16.12
N ALA B 3 24.98 -2.32 17.08
CA ALA B 3 24.28 -3.59 16.88
C ALA B 3 22.74 -3.35 16.81
N LEU B 4 22.09 -4.03 15.88
CA LEU B 4 20.60 -4.22 15.92
C LEU B 4 20.39 -5.65 16.47
N LYS B 5 20.01 -5.76 17.74
CA LYS B 5 19.87 -7.09 18.38
C LYS B 5 18.47 -7.68 18.15
N ILE B 6 18.40 -8.77 17.46
CA ILE B 6 17.14 -9.36 17.07
C ILE B 6 16.98 -10.73 17.76
N ALA B 7 15.86 -10.92 18.45
CA ALA B 7 15.49 -12.27 18.95
C ALA B 7 14.46 -12.85 18.01
N LEU B 8 14.79 -13.94 17.38
CA LEU B 8 13.91 -14.55 16.41
C LEU B 8 13.23 -15.78 17.04
N LEU B 9 11.90 -15.81 17.04
CA LEU B 9 11.14 -16.98 17.54
C LEU B 9 10.66 -17.74 16.39
N GLY B 10 11.20 -18.94 16.14
CA GLY B 10 10.84 -19.74 14.98
C GLY B 10 11.98 -19.82 13.90
N GLY B 11 12.23 -21.03 13.45
CA GLY B 11 13.30 -21.37 12.55
C GLY B 11 12.81 -22.24 11.39
N GLY B 12 11.48 -22.32 11.23
CA GLY B 12 10.90 -23.08 10.09
C GLY B 12 11.00 -22.26 8.81
N THR B 13 10.10 -22.51 7.86
CA THR B 13 10.17 -21.84 6.55
C THR B 13 10.24 -20.31 6.56
N VAL B 14 9.45 -19.67 7.44
CA VAL B 14 9.38 -18.24 7.46
C VAL B 14 10.55 -17.74 8.26
N GLY B 15 10.82 -18.34 9.41
CA GLY B 15 11.94 -17.80 10.24
C GLY B 15 13.31 -17.87 9.53
N SER B 16 13.50 -18.95 8.85
CA SER B 16 14.70 -19.19 8.03
C SER B 16 14.81 -18.26 6.83
N ALA B 17 13.71 -18.11 6.11
CA ALA B 17 13.64 -17.14 5.00
C ALA B 17 13.95 -15.78 5.56
N PHE B 18 13.41 -15.41 6.73
CA PHE B 18 13.76 -14.16 7.34
C PHE B 18 15.26 -13.98 7.72
N TYR B 19 15.79 -14.97 8.41
CA TYR B 19 17.19 -14.99 8.90
C TYR B 19 18.11 -14.76 7.68
N ASN B 20 17.89 -15.51 6.67
CA ASN B 20 18.71 -15.43 5.48
C ASN B 20 18.57 -14.13 4.65
N LEU B 21 17.37 -13.57 4.64
CA LEU B 21 17.12 -12.30 3.95
C LEU B 21 17.85 -11.20 4.73
N VAL B 22 17.79 -11.24 6.03
CA VAL B 22 18.52 -10.29 6.84
C VAL B 22 20.07 -10.32 6.53
N LEU B 23 20.63 -11.51 6.55
CA LEU B 23 22.06 -11.74 6.22
C LEU B 23 22.42 -11.20 4.84
N GLU B 24 21.65 -11.58 3.85
CA GLU B 24 21.84 -11.11 2.49
C GLU B 24 21.75 -9.60 2.32
N ARG B 25 20.91 -8.92 3.10
CA ARG B 25 20.66 -7.51 3.01
C ARG B 25 21.38 -6.74 4.07
N ALA B 26 22.35 -7.35 4.72
CA ALA B 26 22.99 -6.69 5.88
C ALA B 26 23.67 -5.38 5.52
N GLU B 27 24.23 -5.30 4.32
CA GLU B 27 24.73 -4.04 3.78
C GLU B 27 23.71 -2.91 3.78
N GLU B 28 22.53 -3.20 3.24
CA GLU B 28 21.43 -2.21 3.24
C GLU B 28 21.23 -1.67 4.67
N LEU B 29 21.31 -2.55 5.68
CA LEU B 29 21.10 -2.10 7.05
C LEU B 29 22.16 -1.13 7.58
N SER B 30 23.42 -1.23 7.11
CA SER B 30 24.44 -0.22 7.53
C SER B 30 24.05 1.19 7.14
N ALA B 31 23.26 1.33 6.10
CA ALA B 31 22.73 2.66 5.73
C ALA B 31 21.96 3.28 6.86
N PHE B 32 21.46 2.51 7.86
CA PHE B 32 20.88 3.11 9.08
C PHE B 32 21.79 3.10 10.27
N GLY B 33 23.06 2.80 10.10
CA GLY B 33 23.93 2.81 11.23
C GLY B 33 23.93 1.55 12.03
N VAL B 34 23.34 0.47 11.52
CA VAL B 34 23.32 -0.77 12.30
C VAL B 34 23.88 -1.99 11.56
N VAL B 35 24.23 -2.97 12.38
CA VAL B 35 24.63 -4.27 11.92
C VAL B 35 23.70 -5.24 12.65
N PRO B 36 23.05 -6.13 11.91
CA PRO B 36 22.13 -7.05 12.57
C PRO B 36 22.91 -8.10 13.37
N ARG B 37 22.50 -8.32 14.61
CA ARG B 37 23.02 -9.49 15.39
C ARG B 37 21.87 -10.26 16.04
N PHE B 38 21.73 -11.50 15.69
CA PHE B 38 20.69 -12.33 16.32
C PHE B 38 21.10 -12.85 17.69
N LEU B 39 20.40 -12.46 18.74
CA LEU B 39 20.63 -12.98 20.07
C LEU B 39 20.43 -14.47 20.17
N GLY B 40 19.57 -15.01 19.32
CA GLY B 40 19.24 -16.43 19.36
C GLY B 40 18.03 -16.62 18.50
N VAL B 41 17.82 -17.86 18.12
CA VAL B 41 16.73 -18.33 17.28
C VAL B 41 16.03 -19.56 17.93
N LEU B 42 14.79 -19.34 18.39
CA LEU B 42 13.96 -20.41 19.09
C LEU B 42 13.51 -21.39 18.14
N VAL B 43 13.95 -22.62 18.33
CA VAL B 43 13.46 -23.69 17.47
C VAL B 43 13.07 -24.92 18.32
N ARG B 44 12.25 -25.76 17.72
CA ARG B 44 11.66 -26.92 18.38
C ARG B 44 12.74 -28.01 18.45
N ASP B 45 13.33 -28.29 17.27
CA ASP B 45 14.36 -29.32 17.11
C ASP B 45 15.72 -28.85 16.56
N PRO B 46 16.70 -28.57 17.45
CA PRO B 46 18.05 -28.10 17.03
C PRO B 46 18.85 -29.07 16.10
N ARG B 47 18.41 -30.31 15.99
CA ARG B 47 19.08 -31.28 15.15
C ARG B 47 18.65 -31.17 13.68
N LYS B 48 17.50 -30.54 13.33
CA LYS B 48 17.06 -30.54 11.88
C LYS B 48 18.06 -29.70 11.03
N PRO B 49 18.39 -30.16 9.79
CA PRO B 49 19.16 -29.30 8.87
C PRO B 49 18.40 -27.97 8.67
N ARG B 50 19.13 -26.85 8.56
CA ARG B 50 18.52 -25.54 8.68
C ARG B 50 19.57 -24.49 8.29
N ALA B 51 19.18 -23.50 7.48
CA ALA B 51 20.13 -22.46 6.99
C ALA B 51 20.39 -21.33 8.02
N ILE B 52 20.51 -21.74 9.28
CA ILE B 52 20.75 -20.90 10.40
C ILE B 52 21.90 -21.56 11.16
N PRO B 53 22.92 -20.79 11.54
CA PRO B 53 24.02 -21.43 12.36
C PRO B 53 23.58 -22.14 13.69
N GLN B 54 24.01 -23.39 13.83
CA GLN B 54 23.82 -24.19 15.07
C GLN B 54 24.03 -23.39 16.31
N GLU B 55 25.13 -22.67 16.39
CA GLU B 55 25.47 -21.86 17.57
C GLU B 55 24.37 -20.88 17.99
N LEU B 56 23.48 -20.48 17.06
CA LEU B 56 22.40 -19.51 17.40
C LEU B 56 21.10 -20.21 17.86
N LEU B 57 20.92 -21.47 17.49
CA LEU B 57 19.72 -22.23 17.81
C LEU B 57 19.52 -22.39 19.28
N ARG B 58 18.28 -22.19 19.71
CA ARG B 58 17.88 -22.30 21.14
C ARG B 58 16.72 -23.23 21.19
N ALA B 59 16.79 -24.25 22.06
CA ALA B 59 15.70 -25.26 22.15
C ALA B 59 14.70 -24.90 23.23
N GLU B 60 15.13 -24.07 24.15
CA GLU B 60 14.35 -23.60 25.24
C GLU B 60 14.27 -22.08 25.06
N PRO B 61 13.21 -21.48 25.57
CA PRO B 61 13.08 -20.04 25.63
C PRO B 61 14.29 -19.33 26.25
N PHE B 62 14.67 -18.20 25.65
CA PHE B 62 15.84 -17.41 26.08
C PHE B 62 15.39 -16.03 26.46
N ASP B 63 16.20 -15.33 27.25
CA ASP B 63 15.86 -13.99 27.69
C ASP B 63 15.77 -13.04 26.44
N LEU B 64 14.69 -12.29 26.36
CA LEU B 64 14.41 -11.38 25.24
C LEU B 64 14.71 -9.97 25.62
N LEU B 65 14.99 -9.67 26.87
CA LEU B 65 14.91 -8.29 27.27
C LEU B 65 16.09 -7.43 26.86
N GLU B 66 17.12 -8.02 26.28
CA GLU B 66 18.23 -7.23 25.73
C GLU B 66 18.03 -6.96 24.25
N ALA B 67 16.99 -7.56 23.64
CA ALA B 67 16.74 -7.40 22.20
C ALA B 67 16.30 -6.00 21.85
N ASP B 68 16.65 -5.55 20.65
CA ASP B 68 16.02 -4.35 20.07
C ASP B 68 14.68 -4.66 19.36
N LEU B 69 14.53 -5.86 18.81
CA LEU B 69 13.33 -6.32 18.14
C LEU B 69 13.13 -7.81 18.47
N VAL B 70 11.88 -8.25 18.57
CA VAL B 70 11.52 -9.64 18.52
C VAL B 70 10.77 -9.86 17.30
N VAL B 71 11.18 -10.84 16.53
CA VAL B 71 10.51 -11.22 15.35
C VAL B 71 9.94 -12.58 15.64
N GLU B 72 8.65 -12.79 15.32
CA GLU B 72 7.95 -14.02 15.74
C GLU B 72 7.36 -14.66 14.56
N ALA B 73 7.73 -15.91 14.38
CA ALA B 73 7.27 -16.77 13.33
C ALA B 73 7.28 -18.25 13.86
N MET B 74 6.77 -18.48 15.07
CA MET B 74 6.88 -19.83 15.72
C MET B 74 5.61 -20.66 15.66
N GLY B 75 4.52 -20.13 15.09
CA GLY B 75 3.29 -20.88 15.07
C GLY B 75 2.53 -20.87 16.43
N GLY B 76 1.26 -21.17 16.33
CA GLY B 76 0.28 -21.11 17.45
C GLY B 76 -0.05 -19.74 18.00
N VAL B 77 -0.67 -19.72 19.17
CA VAL B 77 -1.17 -18.49 19.77
C VAL B 77 -0.65 -18.37 21.17
N GLU B 78 -1.01 -19.36 22.07
CA GLU B 78 -0.72 -19.15 23.48
C GLU B 78 0.78 -19.08 23.81
N ALA B 79 1.56 -19.90 23.15
CA ALA B 79 2.96 -19.91 23.47
C ALA B 79 3.70 -18.65 23.01
N PRO B 80 3.56 -18.29 21.71
CA PRO B 80 4.14 -16.98 21.35
C PRO B 80 3.65 -15.80 22.20
N LEU B 81 2.37 -15.79 22.53
CA LEU B 81 1.85 -14.80 23.44
C LEU B 81 2.63 -14.70 24.71
N ARG B 82 2.82 -15.84 25.39
CA ARG B 82 3.53 -15.77 26.68
C ARG B 82 4.99 -15.39 26.53
N LEU B 83 5.60 -15.79 25.42
CA LEU B 83 6.97 -15.35 25.18
C LEU B 83 7.13 -13.82 24.79
N VAL B 84 6.21 -13.27 24.01
CA VAL B 84 6.37 -11.85 23.58
C VAL B 84 5.90 -10.82 24.59
N LEU B 85 4.95 -11.16 25.46
CA LEU B 85 4.47 -10.20 26.45
C LEU B 85 5.51 -9.51 27.30
N PRO B 86 6.50 -10.24 27.87
CA PRO B 86 7.53 -9.60 28.67
C PRO B 86 8.34 -8.57 27.85
N ALA B 87 8.62 -8.91 26.62
CA ALA B 87 9.33 -7.95 25.71
C ALA B 87 8.49 -6.71 25.44
N LEU B 88 7.24 -6.90 25.05
CA LEU B 88 6.32 -5.78 24.84
C LEU B 88 6.18 -4.90 26.06
N GLU B 89 6.09 -5.53 27.23
CA GLU B 89 5.98 -4.78 28.49
C GLU B 89 7.20 -3.94 28.76
N ALA B 90 8.34 -4.44 28.32
CA ALA B 90 9.58 -3.72 28.40
C ALA B 90 9.72 -2.61 27.29
N GLY B 91 8.72 -2.41 26.43
CA GLY B 91 8.89 -1.48 25.26
C GLY B 91 9.71 -2.02 24.11
N ILE B 92 9.86 -3.34 23.98
CA ILE B 92 10.51 -3.90 22.79
C ILE B 92 9.47 -4.22 21.75
N PRO B 93 9.64 -3.70 20.49
CA PRO B 93 8.68 -4.03 19.46
C PRO B 93 8.67 -5.48 19.06
N LEU B 94 7.56 -5.87 18.49
CA LEU B 94 7.34 -7.12 17.89
C LEU B 94 7.04 -6.99 16.44
N ILE B 95 7.67 -7.83 15.64
CA ILE B 95 7.36 -7.97 14.28
C ILE B 95 6.85 -9.37 14.05
N THR B 96 5.68 -9.51 13.42
CA THR B 96 5.01 -10.84 13.34
C THR B 96 4.24 -10.97 12.07
N ALA B 97 4.17 -12.21 11.59
CA ALA B 97 3.24 -12.62 10.55
C ALA B 97 2.06 -13.45 11.13
N ASN B 98 1.97 -13.50 12.43
CA ASN B 98 1.04 -14.42 13.10
C ASN B 98 -0.40 -13.87 13.26
N LYS B 99 -1.18 -14.10 12.21
CA LYS B 99 -2.52 -13.63 12.14
C LYS B 99 -3.44 -14.24 13.19
N ALA B 100 -3.24 -15.53 13.49
CA ALA B 100 -4.05 -16.17 14.58
C ALA B 100 -3.80 -15.52 15.93
N LEU B 101 -2.55 -15.28 16.29
CA LEU B 101 -2.13 -14.61 17.54
C LEU B 101 -2.78 -13.27 17.71
N LEU B 102 -2.72 -12.43 16.64
CA LEU B 102 -3.36 -11.13 16.66
C LEU B 102 -4.86 -11.23 16.71
N ALA B 103 -5.43 -12.11 15.94
CA ALA B 103 -6.85 -12.22 15.98
C ALA B 103 -7.41 -12.70 17.34
N GLU B 104 -6.77 -13.73 17.91
CA GLU B 104 -7.31 -14.40 19.12
C GLU B 104 -6.82 -13.85 20.43
N ALA B 105 -5.64 -13.26 20.47
CA ALA B 105 -5.15 -12.73 21.74
C ALA B 105 -5.14 -11.18 21.80
N TRP B 106 -6.15 -10.56 21.20
CA TRP B 106 -6.17 -9.10 21.05
C TRP B 106 -6.45 -8.36 22.33
N GLU B 107 -7.14 -9.01 23.27
CA GLU B 107 -7.28 -8.43 24.62
C GLU B 107 -5.94 -8.13 25.22
N SER B 108 -4.98 -9.01 25.07
CA SER B 108 -3.67 -8.78 25.66
C SER B 108 -2.78 -7.89 24.78
N LEU B 109 -2.91 -7.97 23.44
CA LEU B 109 -1.95 -7.31 22.53
C LEU B 109 -2.43 -5.89 22.09
N ARG B 110 -3.75 -5.63 22.11
CA ARG B 110 -4.28 -4.30 21.67
C ARG B 110 -3.58 -3.13 22.35
N PRO B 111 -3.35 -3.18 23.69
CA PRO B 111 -2.71 -2.03 24.32
C PRO B 111 -1.30 -1.71 23.75
N PHE B 112 -0.58 -2.75 23.38
CA PHE B 112 0.76 -2.56 22.82
C PHE B 112 0.67 -2.15 21.32
N ALA B 113 -0.28 -2.70 20.57
CA ALA B 113 -0.57 -2.18 19.20
C ALA B 113 -0.93 -0.70 19.20
N GLU B 114 -1.77 -0.26 20.16
CA GLU B 114 -2.07 1.16 20.34
C GLU B 114 -0.86 2.06 20.56
N GLU B 115 0.20 1.54 21.16
CA GLU B 115 1.48 2.28 21.42
C GLU B 115 2.45 2.16 20.28
N GLY B 116 2.08 1.55 19.16
CA GLY B 116 2.99 1.43 18.03
C GLY B 116 4.10 0.43 18.16
N LEU B 117 3.89 -0.57 19.01
CA LEU B 117 4.88 -1.60 19.29
C LEU B 117 4.74 -2.84 18.44
N ILE B 118 3.66 -2.97 17.71
CA ILE B 118 3.42 -4.18 16.89
C ILE B 118 3.37 -3.88 15.39
N TYR B 119 4.29 -4.51 14.68
CA TYR B 119 4.39 -4.47 13.23
C TYR B 119 3.92 -5.79 12.66
N HIS B 120 2.92 -5.77 11.80
CA HIS B 120 2.40 -6.97 11.24
C HIS B 120 1.91 -6.95 9.84
N GLU B 121 2.65 -6.24 9.00
CA GLU B 121 2.34 -6.24 7.58
C GLU B 121 2.28 -7.66 6.99
N ALA B 122 3.22 -8.47 7.37
CA ALA B 122 3.27 -9.85 6.84
C ALA B 122 2.13 -10.78 7.38
N SER B 123 1.32 -10.33 8.31
CA SER B 123 0.12 -11.10 8.80
C SER B 123 -1.10 -11.09 7.87
N VAL B 124 -1.11 -10.18 6.86
CA VAL B 124 -2.11 -10.26 5.81
C VAL B 124 -1.53 -10.06 4.43
N MET B 125 -1.76 -11.03 3.59
CA MET B 125 -1.20 -11.16 2.27
C MET B 125 0.31 -11.02 2.23
N ALA B 126 0.94 -11.57 3.25
CA ALA B 126 2.38 -11.68 3.29
C ALA B 126 3.01 -10.30 3.01
N GLY B 127 4.04 -10.24 2.19
CA GLY B 127 4.71 -8.96 1.88
C GLY B 127 3.98 -8.05 0.88
N THR B 128 2.85 -8.49 0.38
CA THR B 128 2.01 -7.66 -0.45
C THR B 128 1.41 -6.57 0.42
N PRO B 129 1.42 -5.31 -0.05
CA PRO B 129 0.93 -4.25 0.83
C PRO B 129 -0.54 -4.48 1.11
N ALA B 130 -0.94 -4.52 2.37
CA ALA B 130 -2.35 -4.72 2.73
C ALA B 130 -2.67 -3.84 3.87
N LEU B 131 -1.93 -3.94 4.95
CA LEU B 131 -2.08 -3.04 6.06
C LEU B 131 -1.68 -1.60 5.64
N SER B 132 -0.56 -1.46 4.96
CA SER B 132 -0.10 -0.04 4.46
C SER B 132 -1.14 0.48 3.45
N PHE B 133 -1.81 -0.42 2.70
CA PHE B 133 -2.79 -0.05 1.69
C PHE B 133 -4.00 0.55 2.46
N LEU B 134 -4.41 -0.09 3.58
CA LEU B 134 -5.51 0.40 4.34
C LEU B 134 -5.16 1.62 5.17
N GLU B 135 -3.94 1.74 5.63
CA GLU B 135 -3.46 2.91 6.34
C GLU B 135 -3.68 4.19 5.40
N THR B 136 -3.42 4.05 4.12
CA THR B 136 -3.67 5.12 3.12
C THR B 136 -5.13 5.30 2.85
N LEU B 137 -5.90 4.22 2.81
CA LEU B 137 -7.29 4.27 2.56
C LEU B 137 -8.06 4.88 3.74
N ARG B 138 -7.43 5.08 4.91
CA ARG B 138 -8.01 5.84 5.94
C ARG B 138 -8.35 7.29 5.53
N GLY B 139 -7.71 7.78 4.47
CA GLY B 139 -8.05 9.11 3.92
C GLY B 139 -9.52 9.22 3.51
N SER B 140 -10.15 8.10 3.17
CA SER B 140 -11.58 7.99 2.92
C SER B 140 -12.41 7.22 3.94
N GLU B 141 -13.73 7.23 3.76
CA GLU B 141 -14.66 6.56 4.61
C GLU B 141 -15.06 5.31 3.90
N LEU B 142 -14.89 4.16 4.58
CA LEU B 142 -15.09 2.87 3.92
C LEU B 142 -16.52 2.65 3.57
N LEU B 143 -16.78 2.32 2.33
CA LEU B 143 -18.10 1.89 1.89
C LEU B 143 -18.22 0.33 1.93
N GLU B 144 -17.26 -0.35 1.33
CA GLU B 144 -17.21 -1.82 1.37
C GLU B 144 -15.78 -2.30 1.03
N LEU B 145 -15.44 -3.47 1.60
CA LEU B 145 -14.16 -4.15 1.40
C LEU B 145 -14.40 -5.60 1.10
N HIS B 146 -13.71 -6.11 0.08
CA HIS B 146 -13.79 -7.51 -0.30
C HIS B 146 -12.40 -7.94 -0.70
N GLY B 147 -11.90 -9.00 -0.10
CA GLY B 147 -10.53 -9.55 -0.41
C GLY B 147 -10.48 -11.04 -0.57
N ILE B 148 -9.48 -11.49 -1.33
CA ILE B 148 -9.14 -12.87 -1.47
C ILE B 148 -7.86 -12.93 -0.68
N LEU B 149 -7.99 -13.31 0.58
CA LEU B 149 -6.92 -13.12 1.54
C LEU B 149 -6.06 -14.38 1.81
N ASN B 150 -6.57 -15.54 1.43
CA ASN B 150 -5.93 -16.82 1.73
C ASN B 150 -5.28 -17.37 0.50
N GLY B 151 -3.95 -17.52 0.57
CA GLY B 151 -3.27 -18.01 -0.61
C GLY B 151 -3.50 -19.45 -0.97
N THR B 152 -3.48 -20.30 0.09
CA THR B 152 -3.71 -21.75 -0.16
C THR B 152 -4.97 -22.03 -0.86
N THR B 153 -6.08 -21.43 -0.44
CA THR B 153 -7.32 -21.70 -1.12
C THR B 153 -7.47 -21.03 -2.50
N LEU B 154 -6.84 -19.87 -2.70
CA LEU B 154 -6.83 -19.35 -4.10
C LEU B 154 -6.11 -20.36 -5.01
N TYR B 155 -4.96 -20.82 -4.52
CA TYR B 155 -4.17 -21.80 -5.31
C TYR B 155 -5.00 -23.02 -5.64
N ILE B 156 -5.66 -23.58 -4.61
CA ILE B 156 -6.51 -24.74 -4.84
C ILE B 156 -7.60 -24.48 -5.86
N LEU B 157 -8.34 -23.38 -5.70
CA LEU B 157 -9.38 -23.09 -6.70
C LEU B 157 -8.78 -22.88 -8.13
N GLN B 158 -7.65 -22.19 -8.23
CA GLN B 158 -6.97 -21.95 -9.53
C GLN B 158 -6.61 -23.27 -10.16
N GLU B 159 -6.12 -24.21 -9.34
CA GLU B 159 -5.75 -25.53 -9.89
C GLU B 159 -6.95 -26.37 -10.21
N MET B 160 -8.03 -26.33 -9.42
CA MET B 160 -9.26 -27.04 -9.76
C MET B 160 -9.93 -26.55 -11.01
N GLU B 161 -9.82 -25.25 -11.30
CA GLU B 161 -10.31 -24.69 -12.58
C GLU B 161 -9.74 -25.35 -13.81
N LYS B 162 -8.44 -25.67 -13.71
CA LYS B 162 -7.67 -26.39 -14.68
C LYS B 162 -7.95 -27.90 -14.70
N GLY B 163 -8.96 -28.36 -13.94
CA GLY B 163 -9.27 -29.78 -13.81
C GLY B 163 -8.59 -30.56 -12.69
N ARG B 164 -7.57 -30.02 -12.02
CA ARG B 164 -6.87 -30.78 -10.97
C ARG B 164 -7.78 -31.06 -9.77
N THR B 165 -7.48 -32.11 -8.98
CA THR B 165 -8.39 -32.40 -7.83
C THR B 165 -7.98 -31.50 -6.67
N TYR B 166 -8.94 -31.37 -5.77
CA TYR B 166 -8.73 -30.79 -4.47
C TYR B 166 -7.53 -31.34 -3.78
N ALA B 167 -7.50 -32.66 -3.64
CA ALA B 167 -6.41 -33.27 -2.90
C ALA B 167 -5.10 -33.00 -3.54
N GLU B 168 -5.03 -33.13 -4.86
CA GLU B 168 -3.71 -32.85 -5.52
C GLU B 168 -3.22 -31.45 -5.26
N ALA B 169 -4.18 -30.54 -5.41
CA ALA B 169 -3.87 -29.09 -5.26
C ALA B 169 -3.49 -28.75 -3.90
N LEU B 170 -4.21 -29.33 -2.92
CA LEU B 170 -3.78 -29.15 -1.53
C LEU B 170 -2.39 -29.59 -1.21
N LEU B 171 -2.11 -30.81 -1.59
CA LEU B 171 -0.74 -31.35 -1.34
C LEU B 171 0.37 -30.45 -1.97
N GLU B 172 0.12 -30.02 -3.21
CA GLU B 172 1.05 -29.01 -3.85
C GLU B 172 1.17 -27.77 -3.07
N ALA B 173 0.05 -27.27 -2.48
CA ALA B 173 0.16 -26.03 -1.77
C ALA B 173 0.94 -26.20 -0.51
N GLN B 174 0.82 -27.39 0.10
CA GLN B 174 1.67 -27.59 1.27
C GLN B 174 3.17 -27.69 0.90
N ARG B 175 3.48 -28.34 -0.19
CA ARG B 175 4.91 -28.41 -0.63
C ARG B 175 5.54 -26.99 -0.95
N LEU B 176 4.69 -26.05 -1.44
CA LEU B 176 5.08 -24.68 -1.78
C LEU B 176 5.21 -23.82 -0.56
N GLY B 177 4.80 -24.37 0.59
CA GLY B 177 4.91 -23.67 1.85
C GLY B 177 3.79 -22.64 2.02
N TYR B 178 2.71 -22.81 1.28
CA TYR B 178 1.51 -21.90 1.40
C TYR B 178 0.64 -22.16 2.57
N ALA B 179 0.36 -23.45 2.85
CA ALA B 179 -0.61 -23.89 3.91
C ALA B 179 -0.15 -23.69 5.29
N GLU B 180 -1.10 -23.36 6.15
CA GLU B 180 -0.91 -23.44 7.60
C GLU B 180 -0.50 -24.90 8.04
N ALA B 181 0.19 -24.98 9.15
CA ALA B 181 0.50 -26.30 9.80
C ALA B 181 -0.80 -27.11 10.05
N ASP B 182 -1.89 -26.46 10.51
CA ASP B 182 -3.26 -27.07 10.33
C ASP B 182 -3.97 -26.52 9.01
N PRO B 183 -3.89 -27.16 7.85
CA PRO B 183 -4.52 -26.69 6.58
C PRO B 183 -6.03 -26.55 6.61
N THR B 184 -6.68 -27.17 7.59
CA THR B 184 -8.08 -26.89 7.87
C THR B 184 -8.35 -25.36 8.01
N LEU B 185 -7.49 -24.66 8.72
CA LEU B 185 -7.52 -23.22 8.87
C LEU B 185 -7.69 -22.49 7.53
N ASP B 186 -6.92 -22.90 6.52
CA ASP B 186 -7.03 -22.45 5.15
C ASP B 186 -8.35 -22.82 4.55
N VAL B 187 -8.68 -24.11 4.49
CA VAL B 187 -9.76 -24.54 3.65
C VAL B 187 -11.16 -24.29 4.24
N GLU B 188 -11.25 -24.09 5.53
CA GLU B 188 -12.54 -23.78 6.15
C GLU B 188 -12.73 -22.28 6.31
N GLY B 189 -11.83 -21.42 5.73
CA GLY B 189 -12.10 -19.95 5.83
C GLY B 189 -11.60 -19.29 7.06
N ILE B 190 -10.97 -20.02 7.99
CA ILE B 190 -10.66 -19.46 9.22
C ILE B 190 -9.45 -18.48 9.16
N ASP B 191 -8.43 -18.84 8.44
CA ASP B 191 -7.28 -18.02 8.19
C ASP B 191 -7.75 -16.67 7.53
N ALA B 192 -8.63 -16.74 6.55
CA ALA B 192 -9.18 -15.54 5.94
C ALA B 192 -9.97 -14.73 6.93
N ALA B 193 -10.63 -15.42 7.84
CA ALA B 193 -11.35 -14.77 8.92
C ALA B 193 -10.44 -14.08 9.92
N HIS B 194 -9.32 -14.72 10.28
CA HIS B 194 -8.31 -14.05 11.10
C HIS B 194 -7.83 -12.68 10.43
N LYS B 195 -7.47 -12.81 9.19
CA LYS B 195 -6.96 -11.64 8.39
C LYS B 195 -8.07 -10.51 8.27
N LEU B 196 -9.29 -10.90 7.99
CA LEU B 196 -10.42 -9.95 7.90
C LEU B 196 -10.61 -9.18 9.19
N THR B 197 -10.47 -9.87 10.31
CA THR B 197 -10.55 -9.29 11.59
C THR B 197 -9.51 -8.16 11.76
N LEU B 198 -8.28 -8.46 11.34
CA LEU B 198 -7.19 -7.55 11.51
C LEU B 198 -7.45 -6.30 10.62
N LEU B 199 -7.98 -6.51 9.42
CA LEU B 199 -8.29 -5.37 8.51
C LEU B 199 -9.40 -4.47 9.10
N ALA B 200 -10.41 -5.10 9.71
CA ALA B 200 -11.52 -4.39 10.37
C ALA B 200 -10.97 -3.57 11.48
N ARG B 201 -10.04 -4.15 12.27
CA ARG B 201 -9.53 -3.42 13.38
C ARG B 201 -8.66 -2.22 13.02
N LEU B 202 -7.97 -2.35 11.93
CA LEU B 202 -7.10 -1.25 11.48
C LEU B 202 -7.98 -0.07 10.93
N LEU B 203 -8.98 -0.42 10.17
CA LEU B 203 -9.73 0.52 9.37
C LEU B 203 -10.96 1.11 10.07
N VAL B 204 -11.81 0.28 10.67
CA VAL B 204 -13.10 0.77 11.18
C VAL B 204 -13.47 0.51 12.63
N ASP B 205 -12.87 -0.49 13.31
CA ASP B 205 -13.26 -0.76 14.69
C ASP B 205 -12.19 -1.47 15.47
N PRO B 206 -11.49 -0.77 16.35
CA PRO B 206 -10.28 -1.34 16.88
C PRO B 206 -10.56 -2.55 17.82
N GLY B 207 -11.80 -2.72 18.20
CA GLY B 207 -12.24 -3.81 19.07
C GLY B 207 -12.94 -4.87 18.31
N PHE B 208 -12.96 -4.84 16.96
CA PHE B 208 -13.76 -5.86 16.25
C PHE B 208 -13.43 -7.33 16.68
N PRO B 209 -14.42 -8.13 17.11
CA PRO B 209 -14.04 -9.48 17.61
C PRO B 209 -13.97 -10.51 16.53
N PHE B 210 -12.89 -11.30 16.52
CA PHE B 210 -12.76 -12.40 15.63
C PHE B 210 -14.01 -13.29 15.59
N ALA B 211 -14.60 -13.54 16.77
CA ALA B 211 -15.79 -14.43 16.88
C ALA B 211 -16.98 -13.91 16.10
N GLU B 212 -17.00 -12.60 15.75
CA GLU B 212 -18.10 -12.05 14.96
C GLU B 212 -18.00 -12.31 13.51
N VAL B 213 -16.84 -12.80 13.02
CA VAL B 213 -16.79 -13.09 11.62
C VAL B 213 -17.55 -14.38 11.31
N GLU B 214 -18.37 -14.39 10.27
CA GLU B 214 -19.11 -15.57 9.89
C GLU B 214 -18.28 -16.21 8.77
N ALA B 215 -17.76 -17.39 8.98
CA ALA B 215 -16.78 -17.97 8.03
C ALA B 215 -17.26 -19.32 7.54
N GLN B 216 -17.17 -19.51 6.27
CA GLN B 216 -17.25 -20.80 5.66
C GLN B 216 -16.18 -20.91 4.60
N GLY B 217 -15.83 -22.13 4.27
CA GLY B 217 -14.74 -22.43 3.33
C GLY B 217 -15.10 -23.01 2.01
N ILE B 218 -14.13 -23.72 1.44
CA ILE B 218 -14.28 -24.24 0.08
C ILE B 218 -14.63 -25.70 -0.01
N ALA B 219 -15.03 -26.29 1.11
CA ALA B 219 -15.24 -27.77 1.17
C ALA B 219 -16.38 -28.30 0.33
N ARG B 220 -17.35 -27.48 -0.05
CA ARG B 220 -18.36 -27.86 -1.06
C ARG B 220 -17.97 -27.66 -2.56
N LEU B 221 -16.77 -27.21 -2.83
CA LEU B 221 -16.45 -26.88 -4.23
C LEU B 221 -15.73 -28.01 -4.90
N THR B 222 -16.01 -28.19 -6.18
CA THR B 222 -15.34 -29.18 -7.04
C THR B 222 -15.03 -28.63 -8.44
N PRO B 223 -14.19 -29.35 -9.21
CA PRO B 223 -13.98 -28.93 -10.60
C PRO B 223 -15.29 -28.73 -11.41
N GLU B 224 -16.28 -29.60 -11.18
CA GLU B 224 -17.53 -29.50 -11.89
C GLU B 224 -18.22 -28.18 -11.51
N VAL B 225 -18.27 -27.81 -10.22
CA VAL B 225 -18.92 -26.53 -9.84
C VAL B 225 -18.17 -25.33 -10.47
N LEU B 226 -16.86 -25.37 -10.54
CA LEU B 226 -16.10 -24.26 -11.07
C LEU B 226 -16.31 -24.20 -12.61
N GLN B 227 -16.34 -25.37 -13.30
CA GLN B 227 -16.64 -25.43 -14.74
C GLN B 227 -18.09 -24.88 -15.04
N LYS B 228 -19.11 -25.23 -14.27
CA LYS B 228 -20.45 -24.60 -14.39
C LYS B 228 -20.38 -23.07 -14.16
N ALA B 229 -19.55 -22.60 -13.23
CA ALA B 229 -19.40 -21.14 -13.08
C ALA B 229 -18.73 -20.50 -14.31
N GLU B 230 -17.66 -21.09 -14.86
CA GLU B 230 -17.03 -20.63 -16.12
C GLU B 230 -18.06 -20.47 -17.26
N ALA B 231 -18.95 -21.43 -17.44
CA ALA B 231 -20.04 -21.29 -18.41
C ALA B 231 -21.10 -20.20 -18.10
N ARG B 232 -21.30 -19.82 -16.85
CA ARG B 232 -22.18 -18.70 -16.51
C ARG B 232 -21.43 -17.30 -16.64
N GLY B 233 -20.19 -17.31 -17.13
CA GLY B 233 -19.31 -16.12 -17.11
C GLY B 233 -18.74 -15.71 -15.75
N GLU B 234 -18.52 -16.68 -14.85
CA GLU B 234 -18.22 -16.33 -13.45
C GLU B 234 -16.97 -17.06 -12.99
N ARG B 235 -16.35 -16.57 -11.91
CA ARG B 235 -15.29 -17.31 -11.21
C ARG B 235 -15.78 -17.41 -9.81
N VAL B 236 -15.55 -18.55 -9.15
CA VAL B 236 -15.84 -18.71 -7.72
C VAL B 236 -14.58 -18.52 -6.94
N ARG B 237 -14.64 -17.63 -5.95
CA ARG B 237 -13.53 -17.48 -5.06
C ARG B 237 -13.99 -17.43 -3.67
N LEU B 238 -13.05 -17.68 -2.78
CA LEU B 238 -13.25 -17.44 -1.38
C LEU B 238 -12.99 -15.98 -1.07
N VAL B 239 -14.03 -15.26 -0.60
CA VAL B 239 -13.93 -13.80 -0.40
C VAL B 239 -14.25 -13.41 1.02
N ALA B 240 -13.44 -12.52 1.57
CA ALA B 240 -13.61 -11.98 2.87
C ALA B 240 -14.22 -10.61 2.66
N SER B 241 -15.37 -10.32 3.28
CA SER B 241 -16.13 -9.04 2.99
C SER B 241 -16.41 -8.32 4.28
N LEU B 242 -16.28 -6.99 4.27
CA LEU B 242 -16.66 -6.15 5.34
C LEU B 242 -17.64 -5.11 4.77
N PHE B 243 -18.86 -5.07 5.30
CA PHE B 243 -19.87 -4.14 4.74
C PHE B 243 -20.92 -3.86 5.84
N GLY B 244 -21.74 -2.85 5.60
CA GLY B 244 -22.74 -2.36 6.59
C GLY B 244 -24.04 -3.14 6.52
N GLU B 245 -24.51 -3.57 7.67
CA GLU B 245 -25.88 -4.15 7.73
C GLU B 245 -26.56 -3.58 8.94
N GLY B 246 -27.63 -2.80 8.69
CA GLY B 246 -28.47 -2.20 9.75
C GLY B 246 -27.66 -1.34 10.68
N GLY B 247 -26.75 -0.52 10.13
CA GLY B 247 -25.96 0.38 10.94
C GLY B 247 -24.81 -0.25 11.67
N ARG B 248 -24.52 -1.54 11.43
CA ARG B 248 -23.38 -2.21 12.06
C ARG B 248 -22.47 -2.85 10.93
N TRP B 249 -21.16 -2.96 11.19
CA TRP B 249 -20.21 -3.73 10.28
C TRP B 249 -20.45 -5.22 10.41
N ARG B 250 -20.71 -5.87 9.29
CA ARG B 250 -20.85 -7.26 9.18
C ARG B 250 -19.53 -7.77 8.44
N ALA B 251 -18.89 -8.77 9.02
CA ALA B 251 -17.72 -9.47 8.43
C ALA B 251 -18.04 -10.90 8.11
N ALA B 252 -17.81 -11.30 6.86
CA ALA B 252 -18.09 -12.65 6.40
C ALA B 252 -17.04 -13.15 5.44
N VAL B 253 -16.79 -14.44 5.49
CA VAL B 253 -15.95 -15.19 4.57
C VAL B 253 -16.77 -16.31 3.99
N ALA B 254 -16.78 -16.42 2.67
CA ALA B 254 -17.58 -17.43 1.94
C ALA B 254 -17.20 -17.51 0.51
N PRO B 255 -17.40 -18.67 -0.13
CA PRO B 255 -17.23 -18.67 -1.55
C PRO B 255 -18.26 -17.73 -2.19
N ARG B 256 -17.88 -17.01 -3.24
CA ARG B 256 -18.79 -16.11 -3.99
C ARG B 256 -18.62 -16.32 -5.43
N ARG B 257 -19.72 -16.03 -6.12
CA ARG B 257 -19.74 -16.13 -7.57
C ARG B 257 -19.38 -14.69 -8.07
N LEU B 258 -18.26 -14.55 -8.76
CA LEU B 258 -17.77 -13.25 -9.20
C LEU B 258 -17.97 -13.18 -10.69
N PRO B 259 -18.35 -12.00 -11.22
CA PRO B 259 -18.24 -11.84 -12.70
C PRO B 259 -16.80 -12.05 -13.13
N GLN B 260 -16.57 -12.70 -14.25
CA GLN B 260 -15.20 -13.12 -14.55
C GLN B 260 -14.26 -12.01 -14.86
N ASP B 261 -14.78 -10.82 -15.16
CA ASP B 261 -13.97 -9.66 -15.45
C ASP B 261 -13.68 -8.80 -14.23
N HIS B 262 -14.25 -9.11 -13.09
CA HIS B 262 -13.98 -8.35 -11.93
C HIS B 262 -12.52 -8.44 -11.55
N PRO B 263 -11.92 -7.32 -11.11
CA PRO B 263 -10.56 -7.35 -10.58
C PRO B 263 -10.26 -8.57 -9.64
N LEU B 264 -11.13 -8.81 -8.69
CA LEU B 264 -10.93 -9.96 -7.76
C LEU B 264 -10.92 -11.29 -8.47
N ALA B 265 -11.68 -11.42 -9.55
CA ALA B 265 -11.71 -12.68 -10.32
C ALA B 265 -10.54 -12.86 -11.17
N ARG B 266 -9.99 -11.77 -11.68
CA ARG B 266 -8.86 -11.81 -12.61
C ARG B 266 -7.51 -11.82 -11.87
N ALA B 267 -7.44 -11.39 -10.61
CA ALA B 267 -6.18 -11.51 -9.89
C ALA B 267 -5.56 -12.93 -9.83
N ARG B 268 -4.29 -12.98 -10.19
CA ARG B 268 -3.49 -14.22 -10.12
C ARG B 268 -2.95 -14.48 -8.69
N GLY B 269 -2.60 -13.41 -7.95
CA GLY B 269 -2.31 -13.49 -6.52
C GLY B 269 -3.48 -13.17 -5.63
N ASN B 270 -3.22 -13.02 -4.35
CA ASN B 270 -4.24 -12.51 -3.44
C ASN B 270 -4.57 -11.05 -3.70
N ALA B 271 -5.72 -10.59 -3.24
CA ALA B 271 -6.21 -9.29 -3.66
C ALA B 271 -7.12 -8.69 -2.63
N LEU B 272 -7.06 -7.36 -2.53
CA LEU B 272 -7.86 -6.59 -1.63
C LEU B 272 -8.47 -5.44 -2.47
N TRP B 273 -9.80 -5.32 -2.39
CA TRP B 273 -10.61 -4.40 -3.14
C TRP B 273 -11.47 -3.58 -2.19
N VAL B 274 -11.40 -2.26 -2.32
CA VAL B 274 -12.08 -1.32 -1.42
C VAL B 274 -12.85 -0.30 -2.27
N ARG B 275 -14.05 0.07 -1.80
CA ARG B 275 -14.74 1.26 -2.30
C ARG B 275 -14.90 2.14 -1.09
N ALA B 276 -14.48 3.41 -1.22
CA ALA B 276 -14.49 4.32 -0.09
C ALA B 276 -14.78 5.80 -0.58
N ARG B 277 -15.27 6.68 0.28
CA ARG B 277 -15.65 8.04 -0.14
C ARG B 277 -14.67 8.99 0.50
N PRO B 278 -14.09 9.93 -0.25
CA PRO B 278 -14.34 10.18 -1.67
C PRO B 278 -13.38 9.54 -2.64
N LEU B 279 -12.44 8.66 -2.21
CA LEU B 279 -11.46 8.17 -3.21
C LEU B 279 -12.09 7.49 -4.37
N GLY B 280 -12.99 6.57 -4.13
CA GLY B 280 -13.52 5.74 -5.17
C GLY B 280 -13.14 4.24 -4.96
N GLU B 281 -12.74 3.55 -6.04
N GLU B 281 -12.73 3.56 -6.06
CA GLU B 281 -12.46 2.10 -6.03
CA GLU B 281 -12.45 2.10 -6.11
C GLU B 281 -11.00 1.89 -6.24
C GLU B 281 -10.98 1.87 -6.27
N ALA B 282 -10.36 1.21 -5.29
CA ALA B 282 -8.88 0.95 -5.28
C ALA B 282 -8.64 -0.54 -4.97
N PHE B 283 -7.67 -1.16 -5.64
N PHE B 283 -7.51 -1.08 -5.40
CA PHE B 283 -7.34 -2.56 -5.28
CA PHE B 283 -7.30 -2.53 -5.42
C PHE B 283 -5.85 -2.85 -5.38
C PHE B 283 -5.81 -2.80 -5.34
N VAL B 284 -5.39 -3.80 -4.57
CA VAL B 284 -3.97 -4.22 -4.49
C VAL B 284 -3.94 -5.75 -4.58
N THR B 285 -2.93 -6.27 -5.23
CA THR B 285 -2.84 -7.68 -5.43
C THR B 285 -1.36 -8.07 -5.47
N GLY B 286 -1.08 -9.27 -5.02
CA GLY B 286 0.20 -9.81 -5.04
C GLY B 286 0.20 -11.19 -4.27
N PRO B 287 1.36 -11.79 -4.17
CA PRO B 287 1.48 -13.18 -3.47
C PRO B 287 1.20 -13.01 -2.00
N GLY B 288 0.34 -13.88 -1.52
CA GLY B 288 -0.14 -13.79 -0.12
C GLY B 288 0.33 -14.90 0.78
N ALA B 289 1.25 -15.71 0.31
CA ALA B 289 1.86 -16.82 1.08
C ALA B 289 3.18 -17.22 0.45
N GLY B 290 3.96 -17.96 1.21
CA GLY B 290 5.25 -18.49 0.84
C GLY B 290 6.26 -17.90 1.76
N GLY B 291 7.41 -18.58 1.85
CA GLY B 291 8.46 -18.16 2.70
C GLY B 291 9.08 -16.78 2.36
N GLY B 292 9.57 -16.64 1.14
CA GLY B 292 10.16 -15.36 0.67
C GLY B 292 9.12 -14.19 0.76
N ALA B 293 7.92 -14.43 0.28
CA ALA B 293 6.84 -13.43 0.29
C ALA B 293 6.55 -12.99 1.68
N THR B 294 6.52 -13.91 2.64
CA THR B 294 6.33 -13.52 4.01
C THR B 294 7.53 -12.79 4.58
N ALA B 295 8.75 -13.27 4.33
CA ALA B 295 9.93 -12.60 4.83
C ALA B 295 10.07 -11.18 4.28
N SER B 296 9.64 -10.95 3.05
CA SER B 296 9.65 -9.58 2.51
C SER B 296 8.81 -8.63 3.39
N GLY B 297 7.62 -9.13 3.82
CA GLY B 297 6.78 -8.40 4.74
C GLY B 297 7.47 -8.12 6.06
N LEU B 298 8.04 -9.17 6.68
CA LEU B 298 8.73 -8.96 7.95
C LEU B 298 9.91 -7.98 7.82
N PHE B 299 10.68 -8.11 6.74
CA PHE B 299 11.82 -7.21 6.53
C PHE B 299 11.36 -5.75 6.29
N ALA B 300 10.28 -5.62 5.50
CA ALA B 300 9.67 -4.25 5.29
C ALA B 300 9.33 -3.58 6.60
N ASP B 301 8.81 -4.37 7.56
CA ASP B 301 8.53 -3.87 8.87
C ASP B 301 9.81 -3.55 9.66
N LEU B 302 10.84 -4.38 9.48
CA LEU B 302 12.11 -4.09 10.12
C LEU B 302 12.66 -2.70 9.65
N LEU B 303 12.55 -2.47 8.35
CA LEU B 303 12.93 -1.16 7.76
C LEU B 303 12.05 -0.01 8.18
N ARG B 304 10.76 -0.28 8.34
CA ARG B 304 9.82 0.72 8.88
C ARG B 304 10.28 1.16 10.25
N PHE B 305 10.56 0.15 11.08
CA PHE B 305 11.05 0.39 12.41
C PHE B 305 12.37 1.19 12.43
N LEU B 306 13.34 0.69 11.68
CA LEU B 306 14.68 1.28 11.72
C LEU B 306 14.67 2.73 11.18
N SER B 307 13.77 3.00 10.27
CA SER B 307 13.55 4.32 9.72
C SER B 307 12.94 5.23 10.72
N GLY B 308 12.41 4.71 11.83
CA GLY B 308 11.79 5.57 12.81
C GLY B 308 10.31 5.62 12.79
N ALA B 309 9.64 4.83 11.98
CA ALA B 309 8.22 4.84 12.02
C ALA B 309 7.71 3.76 13.05
N PRO B 310 6.64 4.03 13.77
CA PRO B 310 5.94 3.09 14.60
C PRO B 310 5.18 2.02 13.89
N GLY B 311 4.75 1.03 14.65
CA GLY B 311 3.98 -0.04 14.03
C GLY B 311 2.60 0.30 13.61
N HIS B 312 1.84 -0.78 13.31
CA HIS B 312 0.52 -0.65 12.82
C HIS B 312 -0.46 -0.42 13.94
N LEU B 313 -1.22 0.67 13.84
CA LEU B 313 -2.16 1.06 14.91
C LEU B 313 -3.54 0.60 14.61
N PRO B 314 -4.26 0.20 15.65
CA PRO B 314 -5.70 0.07 15.40
C PRO B 314 -6.37 1.44 15.09
N ALA B 315 -7.53 1.37 14.46
CA ALA B 315 -8.42 2.50 14.27
C ALA B 315 -8.63 3.25 15.57
N PRO B 316 -8.57 4.58 15.50
CA PRO B 316 -8.62 5.36 16.71
C PRO B 316 -9.97 5.35 17.38
N ARG B 317 -11.04 4.95 16.70
CA ARG B 317 -12.30 4.72 17.38
C ARG B 317 -13.13 3.86 16.46
N ALA B 318 -14.21 3.31 17.00
CA ALA B 318 -15.13 2.59 16.16
C ALA B 318 -15.95 3.59 15.38
N ARG B 319 -16.34 3.31 14.15
CA ARG B 319 -17.38 4.16 13.57
C ARG B 319 -18.33 3.34 12.79
N PRO B 320 -19.56 3.81 12.66
CA PRO B 320 -20.48 2.93 11.98
C PRO B 320 -20.39 3.08 10.48
N PRO B 321 -20.90 2.12 9.73
CA PRO B 321 -20.84 2.20 8.30
C PRO B 321 -21.68 3.37 7.73
N LEU B 322 -21.25 4.00 6.65
CA LEU B 322 -22.00 5.02 5.96
C LEU B 322 -23.19 4.48 5.22
N GLU B 323 -23.09 3.31 4.66
CA GLU B 323 -24.23 2.82 3.91
C GLU B 323 -24.42 1.31 4.11
N GLU B 324 -25.68 0.90 4.05
CA GLU B 324 -26.09 -0.48 3.86
C GLU B 324 -25.43 -1.11 2.63
N GLY B 325 -24.64 -2.18 2.82
CA GLY B 325 -24.08 -2.88 1.68
C GLY B 325 -24.66 -4.24 1.41
N SER B 326 -24.04 -4.94 0.44
CA SER B 326 -24.24 -6.39 0.17
C SER B 326 -23.09 -6.98 -0.68
N TRP B 328 -21.62 -10.10 -2.13
CA TRP B 328 -21.55 -10.79 -3.46
C TRP B 328 -22.47 -12.04 -3.34
N PRO B 329 -23.09 -12.57 -4.45
CA PRO B 329 -23.89 -13.86 -4.29
C PRO B 329 -23.03 -15.14 -3.95
N GLY B 330 -23.40 -15.84 -2.86
CA GLY B 330 -22.88 -17.17 -2.49
C GLY B 330 -23.02 -18.28 -3.53
N VAL B 331 -22.43 -19.46 -3.27
CA VAL B 331 -22.69 -20.65 -4.17
C VAL B 331 -23.76 -21.59 -3.54
#